data_9W49
#
_entry.id   9W49
#
_cell.length_a   1.00
_cell.length_b   1.00
_cell.length_c   1.00
_cell.angle_alpha   90.00
_cell.angle_beta   90.00
_cell.angle_gamma   90.00
#
_symmetry.space_group_name_H-M   'P 1'
#
loop_
_entity.id
_entity.type
_entity.pdbx_description
1 polymer 'Guanine nucleotide-binding protein G(i) subunit alpha-1'
2 polymer 'Guanine nucleotide-binding protein G(I)/G(S)/G(T) subunit beta-1'
3 polymer 'Guanine nucleotide-binding protein G(I)/G(S)/G(O) subunit gamma-2'
4 polymer 'Kappa-type opioid receptor'
5 polymer scFv16
6 non-polymer 2-(3,4-dichlorophenyl)-~{N}-methyl-~{N}-[(1~{R},2~{R})-2-pyrrolidin-1-ylcyclohexyl]ethanamide
#
loop_
_entity_poly.entity_id
_entity_poly.type
_entity_poly.pdbx_seq_one_letter_code
_entity_poly.pdbx_strand_id
1 'polypeptide(L)'
;MGCTLSAEDKAAVERSKMIDRNLREDGEKAAREVKLLLLGAGESGKSTIVKQMKIIHEAGYSEEECKQYKAVVYSNTIQS
IIAIIRAMGRLKIDFGDSARADDARQLFVLAGAAEEGFMTAELAGVIKRLWKDSGVQACFNRSREYQLNDSAAYYLNDLD
RIAQPNYIPTQQDVLRTRVKTTGIVETHFTFKDLHFKMFDVGGQRSERKKWIHCFEGVTAIIFCVALSDYDLVLAEDEEM
NRMHESMKLFDSICNNKWFTDTSIILFLNKKDLFEEKIKKSPLTICYPEYAGSNTYEEAAAYIQCQFEDLNKRKDTKEIY
THFTCATDTKNVQFVFDAVTDVIIKNNLKDCGLF
;
A
2 'polypeptide(L)'
;GPGSSGSELDQLRQEAEQLKNQIRDARKACADATLSQITNNIDPVGRIQMRTRRTLRGHLAKIYAMHWGTDSRLLVSASQ
DGKLIIWDSYTTNKVHAIPLRSSWVMTCAYAPSGNYVACGGLDNICSIYNLKTREGNVRVSRELAGHTGYLSCCRFLDDN
QIVTSSGDTTCALWDIETGQQTTTFTGHTGDVMSLSLAPDTRLFVSGACDASAKLWDVREGMCRQTFTGHESDINAICFF
PNGNAFATGSDDATCRLFDLRADQELMTYSHDNIICGITSVSFSKSGRLLLAGYDDFNCNVWDALKADRAGVLAGHDNRV
SCLGVTDDGMAVATGSWDSFLKIWN
;
B
3 'polypeptide(L)' MASNNTASIAQARKLVEQLKMEANIDRIKVSKAAADLMAYCEAHAKEDPLLTPVPASENPFREKKFFCAIL G
4 'polypeptide(L)'
;LGSISPAIPVIITAVYSVVFVVGLVGNSLVMFVIIRYTKMKTATNIYIFNLALADALVTTTMPFQSTVYLMNSWPFGDVL
CKIVLSIDYYNMFTSIFTLTMMSVDRYIAVCHPVKALDFRTPLKAKIINICIWLLSSSVGISAIVLGGTKVREDVDVIEC
SLQFPDDDYSWWDLFMKICVFIFAFVIPVLIIIVCYTLMILRLKSVRLLSGSREKDRNLRRITRLVLVVVAVFVVCWTPI
HIFILVEALGSTSHSTAALSSYYFCIALGYTNSSLNPILYAFLDENFKRCFRDFCFPLKMRMERQSTSLEVLFQ
;
R
5 'polypeptide(L)'
;DVQLVESGGGLVQPGGSRKLSCSASGFAFSSFGMHWVRQAPEKGLEWVAYISSGSGTIYYADTVKGRFTISRDDPKNTLF
LQMTSLRSEDTAMYYCVRSIYYYGSSPFDFWGQGTTLTVSSGGGGSGGGGSGGGGSDIVMTQATSSVPVTPGESVSISCR
SSKSLLHSNGNTYLYWFLQRPGQSPQLLIYRMSNLASGVPDRFSGSGSGTAFTLTISRLEAEDVGVYYCMQHLEYPLTFG
AGTKLELKGENLYFQ
;
S
#
loop_
_chem_comp.id
_chem_comp.type
_chem_comp.name
_chem_comp.formula
A1LWX non-polymer 2-(3,4-dichlorophenyl)-~{N}-methyl-~{N}-[(1~{R},2~{R})-2-pyrrolidin-1-ylcyclohexyl]ethanamide 'C19 H26 Cl2 N2 O'
#
# COMPACT_ATOMS: atom_id res chain seq x y z
N CYS A 3 8.13 27.55 -1.14
CA CYS A 3 7.59 26.20 -1.21
C CYS A 3 7.67 25.66 -2.63
N THR A 4 8.12 26.51 -3.55
CA THR A 4 8.27 26.23 -4.98
C THR A 4 7.11 25.40 -5.54
N LEU A 5 5.91 25.66 -5.05
CA LEU A 5 4.71 24.96 -5.49
C LEU A 5 3.61 25.98 -5.72
N SER A 6 2.70 25.67 -6.65
CA SER A 6 1.55 26.51 -6.86
C SER A 6 0.51 26.27 -5.76
N ALA A 7 -0.50 27.14 -5.72
CA ALA A 7 -1.59 26.95 -4.78
C ALA A 7 -2.34 25.64 -5.07
N GLU A 8 -2.57 25.37 -6.36
CA GLU A 8 -3.24 24.13 -6.75
C GLU A 8 -2.39 22.91 -6.39
N ASP A 9 -1.08 22.98 -6.64
CA ASP A 9 -0.21 21.86 -6.30
C ASP A 9 -0.13 21.64 -4.79
N LYS A 10 -0.10 22.74 -4.02
CA LYS A 10 -0.09 22.61 -2.57
C LYS A 10 -1.39 21.99 -2.06
N ALA A 11 -2.53 22.38 -2.65
CA ALA A 11 -3.80 21.78 -2.26
C ALA A 11 -3.87 20.31 -2.66
N ALA A 12 -3.25 19.96 -3.79
CA ALA A 12 -3.17 18.55 -4.18
C ALA A 12 -2.34 17.76 -3.18
N VAL A 13 -1.22 18.34 -2.73
CA VAL A 13 -0.40 17.69 -1.71
C VAL A 13 -1.19 17.52 -0.42
N GLU A 14 -1.99 18.53 -0.06
CA GLU A 14 -2.82 18.42 1.14
C GLU A 14 -3.85 17.31 1.01
N ARG A 15 -4.46 17.19 -0.17
CA ARG A 15 -5.41 16.10 -0.40
C ARG A 15 -4.71 14.74 -0.30
N SER A 16 -3.51 14.64 -0.85
CA SER A 16 -2.75 13.40 -0.73
C SER A 16 -2.44 13.08 0.72
N LYS A 17 -2.13 14.09 1.53
CA LYS A 17 -1.86 13.88 2.95
C LYS A 17 -3.11 13.39 3.68
N MET A 18 -4.27 13.97 3.35
CA MET A 18 -5.52 13.48 3.96
C MET A 18 -5.79 12.03 3.56
N ILE A 19 -5.53 11.69 2.29
CA ILE A 19 -5.69 10.30 1.85
C ILE A 19 -4.73 9.39 2.59
N ASP A 20 -3.49 9.84 2.80
CA ASP A 20 -2.52 9.07 3.56
C ASP A 20 -3.00 8.81 4.99
N ARG A 21 -3.57 9.84 5.62
CA ARG A 21 -4.07 9.70 6.99
C ARG A 21 -5.21 8.68 7.03
N ASN A 22 -6.14 8.76 6.07
CA ASN A 22 -7.23 7.80 6.03
C ASN A 22 -6.72 6.39 5.78
N LEU A 23 -5.73 6.24 4.90
CA LEU A 23 -5.16 4.93 4.62
C LEU A 23 -4.49 4.35 5.85
N ARG A 24 -3.73 5.17 6.59
CA ARG A 24 -3.08 4.69 7.80
C ARG A 24 -4.10 4.26 8.84
N GLU A 25 -5.18 5.05 9.01
CA GLU A 25 -6.21 4.66 9.95
C GLU A 25 -6.87 3.35 9.54
N ASP A 26 -7.16 3.18 8.25
CA ASP A 26 -7.78 1.96 7.77
C ASP A 26 -6.87 0.76 7.97
N GLY A 27 -5.58 0.90 7.67
CA GLY A 27 -4.64 -0.20 7.81
C GLY A 27 -4.29 -0.52 9.24
N GLU A 28 -4.47 0.44 10.16
CA GLU A 28 -4.32 0.14 11.57
C GLU A 28 -5.59 -0.49 12.14
N LYS A 29 -6.75 -0.20 11.54
CA LYS A 29 -7.97 -0.90 11.94
C LYS A 29 -7.94 -2.36 11.50
N ALA A 30 -7.34 -2.65 10.34
CA ALA A 30 -7.30 -4.01 9.82
C ALA A 30 -6.21 -4.86 10.44
N ALA A 31 -5.26 -4.26 11.15
CA ALA A 31 -4.19 -5.02 11.80
C ALA A 31 -4.62 -5.62 13.13
N ARG A 32 -5.74 -5.17 13.70
CA ARG A 32 -6.25 -5.70 14.96
C ARG A 32 -7.34 -6.73 14.75
N GLU A 33 -7.54 -7.18 13.51
CA GLU A 33 -8.53 -8.20 13.17
C GLU A 33 -7.83 -9.52 12.89
N VAL A 34 -8.45 -10.62 13.30
CA VAL A 34 -7.88 -11.96 13.17
C VAL A 34 -8.49 -12.61 11.93
N LYS A 35 -7.63 -13.06 11.03
CA LYS A 35 -8.04 -13.71 9.79
C LYS A 35 -7.82 -15.21 9.91
N LEU A 36 -8.88 -15.98 9.74
CA LEU A 36 -8.83 -17.43 9.80
C LEU A 36 -9.26 -18.01 8.46
N LEU A 37 -8.47 -18.91 7.90
CA LEU A 37 -8.78 -19.54 6.63
C LEU A 37 -9.46 -20.88 6.91
N LEU A 38 -10.70 -21.03 6.46
CA LEU A 38 -11.47 -22.23 6.72
C LEU A 38 -11.32 -23.20 5.55
N LEU A 39 -11.00 -24.45 5.86
CA LEU A 39 -10.77 -25.46 4.85
C LEU A 39 -11.44 -26.77 5.28
N GLY A 40 -11.66 -27.63 4.30
CA GLY A 40 -12.29 -28.92 4.55
C GLY A 40 -12.73 -29.55 3.25
N ALA A 41 -13.37 -30.70 3.39
CA ALA A 41 -13.90 -31.45 2.25
C ALA A 41 -15.39 -31.17 2.09
N GLY A 42 -15.98 -31.77 1.06
CA GLY A 42 -17.40 -31.55 0.80
C GLY A 42 -18.28 -32.10 1.93
N GLU A 43 -18.00 -33.31 2.38
CA GLU A 43 -18.75 -33.94 3.45
C GLU A 43 -18.03 -33.84 4.79
N SER A 44 -16.92 -33.10 4.87
CA SER A 44 -16.20 -32.95 6.12
C SER A 44 -17.05 -32.22 7.15
N GLY A 45 -17.79 -31.20 6.73
CA GLY A 45 -18.68 -30.49 7.61
C GLY A 45 -18.10 -29.18 8.09
N LYS A 46 -18.50 -28.09 7.44
CA LYS A 46 -18.07 -26.76 7.84
C LYS A 46 -19.23 -25.78 7.81
N SER A 47 -20.40 -26.17 7.31
CA SER A 47 -21.59 -25.36 7.42
C SER A 47 -22.09 -25.28 8.85
N THR A 48 -21.91 -26.34 9.64
CA THR A 48 -22.25 -26.29 11.06
C THR A 48 -21.25 -25.43 11.83
N ILE A 49 -19.96 -25.56 11.52
CA ILE A 49 -18.94 -24.77 12.21
C ILE A 49 -19.13 -23.28 11.94
N VAL A 50 -19.40 -22.92 10.68
CA VAL A 50 -19.68 -21.53 10.35
C VAL A 50 -20.95 -21.06 11.06
N LYS A 51 -21.98 -21.92 11.08
CA LYS A 51 -23.24 -21.55 11.75
C LYS A 51 -23.06 -21.38 13.24
N GLN A 52 -22.24 -22.23 13.87
CA GLN A 52 -22.12 -22.19 15.33
C GLN A 52 -21.43 -20.92 15.79
N MET A 53 -20.16 -20.72 15.38
CA MET A 53 -19.40 -19.55 15.81
C MET A 53 -19.74 -18.37 14.90
N LYS A 54 -20.95 -17.85 15.09
CA LYS A 54 -21.44 -16.70 14.34
C LYS A 54 -22.22 -15.76 15.25
N THR A 182 -21.39 -16.45 -6.47
CA THR A 182 -20.30 -17.38 -6.20
C THR A 182 -19.13 -16.66 -5.54
N GLY A 183 -17.92 -17.17 -5.77
CA GLY A 183 -16.74 -16.62 -5.14
C GLY A 183 -16.57 -17.13 -3.72
N ILE A 184 -15.57 -16.59 -3.03
CA ILE A 184 -15.32 -16.99 -1.66
C ILE A 184 -16.26 -16.24 -0.72
N VAL A 185 -16.50 -16.83 0.44
CA VAL A 185 -17.41 -16.30 1.44
C VAL A 185 -16.60 -15.79 2.62
N GLU A 186 -16.98 -14.62 3.12
CA GLU A 186 -16.33 -14.01 4.28
C GLU A 186 -17.34 -13.88 5.41
N THR A 187 -16.98 -14.41 6.57
CA THR A 187 -17.80 -14.34 7.77
C THR A 187 -17.08 -13.49 8.81
N HIS A 188 -17.81 -12.57 9.44
CA HIS A 188 -17.26 -11.71 10.47
C HIS A 188 -17.97 -11.99 11.78
N PHE A 189 -17.22 -12.18 12.85
CA PHE A 189 -17.82 -12.30 14.17
C PHE A 189 -16.86 -11.73 15.20
N THR A 190 -17.31 -11.72 16.46
CA THR A 190 -16.52 -11.15 17.55
C THR A 190 -16.60 -12.06 18.77
N PHE A 191 -15.53 -12.05 19.56
CA PHE A 191 -15.46 -12.87 20.76
C PHE A 191 -14.41 -12.29 21.68
N LYS A 192 -14.83 -11.83 22.86
CA LYS A 192 -13.92 -11.30 23.88
C LYS A 192 -13.05 -10.17 23.33
N ASP A 193 -13.73 -9.16 22.75
CA ASP A 193 -13.07 -7.97 22.20
C ASP A 193 -12.06 -8.33 21.12
N LEU A 194 -12.31 -9.41 20.39
CA LEU A 194 -11.48 -9.82 19.27
C LEU A 194 -12.36 -10.03 18.06
N HIS A 195 -11.97 -9.46 16.92
CA HIS A 195 -12.75 -9.52 15.70
C HIS A 195 -12.14 -10.58 14.78
N PHE A 196 -12.96 -11.54 14.36
CA PHE A 196 -12.53 -12.68 13.57
C PHE A 196 -13.14 -12.61 12.18
N LYS A 197 -12.30 -12.85 11.17
CA LYS A 197 -12.72 -13.02 9.79
C LYS A 197 -12.44 -14.45 9.35
N MET A 198 -13.46 -15.14 8.87
CA MET A 198 -13.34 -16.49 8.35
C MET A 198 -13.51 -16.45 6.83
N PHE A 199 -12.57 -17.06 6.12
CA PHE A 199 -12.58 -17.10 4.65
C PHE A 199 -12.91 -18.51 4.19
N ASP A 200 -14.19 -18.76 3.92
CA ASP A 200 -14.62 -20.04 3.37
C ASP A 200 -14.42 -20.00 1.86
N VAL A 201 -13.42 -20.74 1.38
CA VAL A 201 -13.04 -20.72 -0.02
C VAL A 201 -13.36 -22.05 -0.71
N GLY A 202 -14.29 -22.83 -0.16
CA GLY A 202 -14.63 -24.10 -0.76
C GLY A 202 -15.31 -23.99 -2.10
N GLY A 203 -15.92 -22.83 -2.41
CA GLY A 203 -16.60 -22.66 -3.67
C GLY A 203 -15.68 -22.48 -4.85
N GLN A 204 -14.42 -22.10 -4.62
CA GLN A 204 -13.46 -21.89 -5.70
C GLN A 204 -13.01 -23.24 -6.23
N ARG A 205 -13.73 -23.75 -7.21
CA ARG A 205 -13.40 -25.03 -7.84
C ARG A 205 -12.40 -24.85 -8.98
N SER A 206 -11.31 -24.16 -8.70
CA SER A 206 -10.24 -23.92 -9.66
C SER A 206 -8.92 -24.45 -9.06
N GLU A 207 -7.83 -24.18 -9.76
CA GLU A 207 -6.51 -24.62 -9.30
C GLU A 207 -6.16 -23.87 -8.02
N ARG A 208 -6.07 -24.61 -6.91
CA ARG A 208 -5.76 -23.99 -5.62
C ARG A 208 -4.35 -23.43 -5.59
N LYS A 209 -3.45 -23.93 -6.43
CA LYS A 209 -2.08 -23.44 -6.46
C LYS A 209 -2.00 -21.97 -6.88
N LYS A 210 -3.03 -21.47 -7.56
CA LYS A 210 -2.99 -20.13 -8.14
C LYS A 210 -3.65 -19.06 -7.28
N TRP A 211 -4.32 -19.44 -6.18
CA TRP A 211 -4.94 -18.43 -5.33
C TRP A 211 -4.77 -18.72 -3.84
N ILE A 212 -3.98 -19.73 -3.46
CA ILE A 212 -3.81 -20.01 -2.05
C ILE A 212 -2.82 -19.04 -1.41
N HIS A 213 -1.87 -18.52 -2.19
CA HIS A 213 -0.89 -17.58 -1.66
C HIS A 213 -1.51 -16.25 -1.25
N CYS A 214 -2.76 -15.99 -1.64
CA CYS A 214 -3.47 -14.83 -1.13
C CYS A 214 -3.71 -14.91 0.36
N PHE A 215 -3.68 -16.12 0.93
CA PHE A 215 -3.89 -16.32 2.36
C PHE A 215 -2.59 -16.68 3.07
N GLU A 216 -1.45 -16.27 2.51
CA GLU A 216 -0.16 -16.62 3.10
C GLU A 216 -0.02 -16.05 4.51
N GLY A 217 -0.29 -14.76 4.67
CA GLY A 217 -0.28 -14.17 5.99
C GLY A 217 -1.64 -14.28 6.63
N VAL A 218 -1.82 -15.30 7.46
CA VAL A 218 -3.11 -15.58 8.09
C VAL A 218 -2.84 -16.09 9.49
N THR A 219 -3.76 -15.80 10.41
CA THR A 219 -3.56 -16.18 11.80
C THR A 219 -3.59 -17.70 11.96
N ALA A 220 -4.60 -18.35 11.43
CA ALA A 220 -4.74 -19.79 11.61
C ALA A 220 -5.58 -20.37 10.47
N ILE A 221 -5.45 -21.68 10.30
CA ILE A 221 -6.24 -22.43 9.34
C ILE A 221 -7.17 -23.36 10.13
N ILE A 222 -8.47 -23.12 9.99
CA ILE A 222 -9.47 -23.96 10.64
C ILE A 222 -9.83 -25.08 9.68
N PHE A 223 -9.36 -26.29 9.98
CA PHE A 223 -9.55 -27.43 9.11
C PHE A 223 -10.62 -28.34 9.69
N CYS A 224 -11.73 -28.49 8.97
CA CYS A 224 -12.85 -29.30 9.42
C CYS A 224 -12.79 -30.66 8.74
N VAL A 225 -12.96 -31.73 9.52
CA VAL A 225 -12.94 -33.10 9.01
C VAL A 225 -14.07 -33.86 9.69
N ALA A 226 -14.86 -34.59 8.90
CA ALA A 226 -15.89 -35.47 9.45
C ALA A 226 -15.23 -36.79 9.81
N LEU A 227 -15.17 -37.10 11.10
CA LEU A 227 -14.58 -38.36 11.53
C LEU A 227 -15.56 -39.52 11.48
N SER A 228 -16.81 -39.27 11.08
CA SER A 228 -17.80 -40.32 10.94
C SER A 228 -17.79 -40.98 9.56
N ASP A 229 -17.00 -40.47 8.62
CA ASP A 229 -16.95 -41.02 7.26
C ASP A 229 -15.73 -41.91 7.04
N TYR A 230 -15.29 -42.63 8.07
CA TYR A 230 -14.16 -43.53 7.89
C TYR A 230 -14.47 -44.69 6.96
N ASP A 231 -15.75 -45.03 6.80
CA ASP A 231 -16.16 -46.09 5.88
C ASP A 231 -16.87 -45.58 4.65
N LEU A 232 -17.28 -44.31 4.62
CA LEU A 232 -18.00 -43.76 3.49
C LEU A 232 -17.09 -43.68 2.25
N VAL A 233 -17.71 -43.83 1.09
CA VAL A 233 -17.02 -43.77 -0.19
C VAL A 233 -17.70 -42.72 -1.05
N LEU A 234 -16.91 -41.84 -1.67
CA LEU A 234 -17.44 -40.78 -2.52
C LEU A 234 -18.22 -41.35 -3.70
N MET A 240 -11.99 -45.00 -2.83
CA MET A 240 -11.81 -43.61 -2.44
C MET A 240 -12.64 -43.28 -1.20
N ASN A 241 -12.07 -43.51 -0.03
CA ASN A 241 -12.75 -43.23 1.23
C ASN A 241 -12.76 -41.73 1.50
N ARG A 242 -13.86 -41.25 2.06
CA ARG A 242 -13.97 -39.82 2.37
C ARG A 242 -12.96 -39.42 3.44
N MET A 243 -12.74 -40.27 4.43
CA MET A 243 -11.72 -39.99 5.44
C MET A 243 -10.34 -39.90 4.80
N HIS A 244 -10.05 -40.77 3.84
CA HIS A 244 -8.79 -40.69 3.13
C HIS A 244 -8.70 -39.40 2.32
N GLU A 245 -9.79 -38.99 1.68
CA GLU A 245 -9.76 -37.72 0.96
C GLU A 245 -9.44 -36.56 1.91
N SER A 246 -10.05 -36.56 3.09
CA SER A 246 -9.74 -35.53 4.07
C SER A 246 -8.29 -35.62 4.52
N MET A 247 -7.76 -36.84 4.65
CA MET A 247 -6.38 -37.01 5.11
C MET A 247 -5.37 -36.47 4.11
N LYS A 248 -5.53 -36.81 2.83
CA LYS A 248 -4.66 -36.19 1.81
C LYS A 248 -4.87 -34.68 1.70
N LEU A 249 -6.09 -34.18 1.85
CA LEU A 249 -6.27 -32.73 1.78
C LEU A 249 -5.54 -32.05 2.94
N PHE A 250 -5.66 -32.61 4.15
CA PHE A 250 -4.94 -32.09 5.29
C PHE A 250 -3.43 -32.17 5.10
N ASP A 251 -2.95 -33.28 4.54
CA ASP A 251 -1.52 -33.41 4.30
C ASP A 251 -1.02 -32.36 3.30
N SER A 252 -1.81 -32.09 2.26
CA SER A 252 -1.42 -31.07 1.29
C SER A 252 -1.43 -29.68 1.90
N ILE A 253 -2.44 -29.37 2.71
CA ILE A 253 -2.59 -28.02 3.24
C ILE A 253 -1.56 -27.76 4.35
N CYS A 254 -1.36 -28.72 5.24
CA CYS A 254 -0.49 -28.50 6.39
C CYS A 254 0.95 -28.25 5.97
N ASN A 255 1.47 -29.07 5.05
CA ASN A 255 2.84 -28.96 4.59
C ASN A 255 2.99 -28.02 3.40
N ASN A 256 2.04 -27.12 3.20
CA ASN A 256 2.13 -26.16 2.11
C ASN A 256 3.27 -25.18 2.36
N LYS A 257 3.87 -24.70 1.27
CA LYS A 257 4.99 -23.77 1.40
C LYS A 257 4.55 -22.42 1.93
N TRP A 258 3.29 -22.05 1.72
CA TRP A 258 2.78 -20.77 2.22
C TRP A 258 2.34 -20.83 3.67
N PHE A 259 2.17 -22.03 4.23
CA PHE A 259 1.75 -22.21 5.62
C PHE A 259 2.78 -23.01 6.40
N THR A 260 4.06 -22.69 6.19
CA THR A 260 5.13 -23.40 6.89
C THR A 260 5.18 -23.08 8.38
N ASP A 261 4.47 -22.04 8.83
CA ASP A 261 4.45 -21.70 10.25
C ASP A 261 3.05 -21.31 10.72
N THR A 262 2.02 -21.52 9.91
CA THR A 262 0.66 -21.12 10.27
C THR A 262 0.01 -22.23 11.09
N SER A 263 -0.51 -21.88 12.26
CA SER A 263 -1.14 -22.85 13.12
C SER A 263 -2.43 -23.38 12.49
N ILE A 264 -2.79 -24.60 12.85
CA ILE A 264 -3.98 -25.27 12.34
C ILE A 264 -4.86 -25.66 13.50
N ILE A 265 -6.12 -25.28 13.44
CA ILE A 265 -7.14 -25.71 14.39
C ILE A 265 -7.93 -26.83 13.72
N LEU A 266 -7.69 -28.07 14.16
CA LEU A 266 -8.34 -29.23 13.57
C LEU A 266 -9.64 -29.50 14.31
N PHE A 267 -10.74 -29.56 13.57
CA PHE A 267 -12.04 -29.91 14.12
C PHE A 267 -12.45 -31.26 13.55
N LEU A 268 -12.94 -32.15 14.41
CA LEU A 268 -13.44 -33.46 14.00
C LEU A 268 -14.93 -33.47 14.34
N ASN A 269 -15.76 -33.30 13.30
CA ASN A 269 -17.18 -33.07 13.47
C ASN A 269 -17.97 -34.37 13.38
N LYS A 270 -19.21 -34.31 13.89
CA LYS A 270 -20.13 -35.44 13.92
C LYS A 270 -19.56 -36.59 14.75
N LYS A 271 -19.24 -36.27 16.01
CA LYS A 271 -18.69 -37.28 16.90
C LYS A 271 -19.77 -38.25 17.38
N ASP A 272 -21.02 -37.80 17.47
CA ASP A 272 -22.11 -38.72 17.83
C ASP A 272 -22.36 -39.73 16.72
N LEU A 273 -22.32 -39.28 15.47
CA LEU A 273 -22.48 -40.20 14.35
C LEU A 273 -21.33 -41.21 14.31
N PHE A 274 -20.11 -40.76 14.57
CA PHE A 274 -18.98 -41.67 14.63
C PHE A 274 -19.13 -42.67 15.77
N GLU A 275 -19.61 -42.21 16.92
CA GLU A 275 -19.82 -43.10 18.05
C GLU A 275 -20.86 -44.18 17.70
N GLU A 276 -21.94 -43.79 17.04
CA GLU A 276 -22.95 -44.76 16.63
C GLU A 276 -22.39 -45.72 15.58
N LYS A 277 -21.59 -45.22 14.65
CA LYS A 277 -21.10 -46.04 13.55
C LYS A 277 -20.06 -47.05 14.02
N ILE A 278 -19.16 -46.63 14.92
CA ILE A 278 -18.07 -47.49 15.35
C ILE A 278 -18.58 -48.67 16.18
N LYS A 279 -19.79 -48.57 16.73
CA LYS A 279 -20.34 -49.69 17.49
C LYS A 279 -20.57 -50.91 16.60
N LYS A 280 -21.06 -50.70 15.38
CA LYS A 280 -21.34 -51.79 14.47
C LYS A 280 -20.16 -52.05 13.52
N SER A 281 -19.77 -51.04 12.74
CA SER A 281 -18.71 -51.20 11.77
C SER A 281 -17.36 -50.86 12.39
N PRO A 282 -16.40 -51.77 12.37
CA PRO A 282 -15.08 -51.47 12.94
C PRO A 282 -14.32 -50.46 12.10
N LEU A 283 -13.38 -49.77 12.76
CA LEU A 283 -12.56 -48.77 12.07
C LEU A 283 -11.63 -49.41 11.05
N THR A 284 -11.37 -50.71 11.16
CA THR A 284 -10.43 -51.38 10.26
C THR A 284 -10.82 -51.28 8.79
N ILE A 285 -12.00 -50.76 8.48
CA ILE A 285 -12.37 -50.52 7.08
C ILE A 285 -11.42 -49.52 6.45
N CYS A 286 -11.11 -48.44 7.16
CA CYS A 286 -10.23 -47.41 6.65
C CYS A 286 -8.76 -47.71 6.94
N TYR A 287 -8.44 -48.15 8.15
CA TYR A 287 -7.07 -48.46 8.54
C TYR A 287 -6.95 -49.96 8.83
N PRO A 288 -6.46 -50.75 7.87
CA PRO A 288 -6.27 -52.19 8.14
C PRO A 288 -5.28 -52.47 9.26
N GLU A 289 -4.30 -51.58 9.46
CA GLU A 289 -3.27 -51.77 10.46
C GLU A 289 -3.60 -51.06 11.77
N TYR A 290 -4.89 -50.94 12.10
CA TYR A 290 -5.29 -50.28 13.33
C TYR A 290 -4.85 -51.08 14.55
N ALA A 291 -5.36 -52.31 14.68
CA ALA A 291 -5.02 -53.20 15.79
C ALA A 291 -5.25 -52.51 17.14
N GLY A 292 -6.50 -52.13 17.38
CA GLY A 292 -6.85 -51.44 18.60
C GLY A 292 -8.26 -51.77 19.03
N SER A 293 -8.60 -51.33 20.24
CA SER A 293 -9.93 -51.57 20.79
C SER A 293 -11.00 -50.87 19.97
N ASN A 294 -12.16 -51.49 19.84
CA ASN A 294 -13.28 -50.94 19.07
C ASN A 294 -14.18 -50.09 19.96
N THR A 295 -13.60 -49.12 20.65
CA THR A 295 -14.32 -48.20 21.51
C THR A 295 -14.18 -46.79 20.96
N TYR A 296 -15.17 -45.94 21.28
CA TYR A 296 -15.19 -44.59 20.72
C TYR A 296 -13.95 -43.79 21.12
N GLU A 297 -13.55 -43.88 22.39
CA GLU A 297 -12.43 -43.08 22.87
C GLU A 297 -11.13 -43.48 22.18
N GLU A 298 -10.82 -44.78 22.17
CA GLU A 298 -9.58 -45.24 21.55
C GLU A 298 -9.56 -44.98 20.06
N ALA A 299 -10.69 -45.23 19.39
CA ALA A 299 -10.76 -45.00 17.94
C ALA A 299 -10.59 -43.53 17.61
N ALA A 300 -11.26 -42.65 18.36
CA ALA A 300 -11.13 -41.22 18.13
C ALA A 300 -9.71 -40.74 18.39
N ALA A 301 -9.08 -41.25 19.46
CA ALA A 301 -7.70 -40.89 19.73
C ALA A 301 -6.77 -41.36 18.61
N TYR A 302 -7.02 -42.56 18.08
CA TYR A 302 -6.21 -43.05 16.98
C TYR A 302 -6.37 -42.19 15.74
N ILE A 303 -7.61 -41.78 15.44
CA ILE A 303 -7.85 -40.91 14.29
C ILE A 303 -7.14 -39.58 14.46
N GLN A 304 -7.25 -39.00 15.67
CA GLN A 304 -6.60 -37.72 15.93
C GLN A 304 -5.08 -37.83 15.80
N CYS A 305 -4.51 -38.92 16.33
CA CYS A 305 -3.06 -39.11 16.21
C CYS A 305 -2.64 -39.32 14.76
N GLN A 306 -3.45 -40.05 13.98
CA GLN A 306 -3.14 -40.24 12.57
C GLN A 306 -3.17 -38.92 11.82
N PHE A 307 -4.12 -38.05 12.15
CA PHE A 307 -4.17 -36.74 11.49
C PHE A 307 -3.00 -35.86 11.92
N GLU A 308 -2.66 -35.86 13.21
CA GLU A 308 -1.58 -35.02 13.70
C GLU A 308 -0.21 -35.51 13.27
N ASP A 309 -0.08 -36.80 12.92
CA ASP A 309 1.20 -37.30 12.46
C ASP A 309 1.59 -36.77 11.10
N LEU A 310 0.66 -36.17 10.36
CA LEU A 310 0.98 -35.57 9.06
C LEU A 310 1.73 -34.27 9.19
N ASN A 311 1.85 -33.71 10.41
CA ASN A 311 2.53 -32.44 10.64
C ASN A 311 4.03 -32.67 10.55
N LYS A 312 4.55 -32.59 9.32
CA LYS A 312 5.99 -32.72 9.13
C LYS A 312 6.70 -31.49 9.70
N ARG A 313 7.85 -31.73 10.34
CA ARG A 313 8.64 -30.68 10.97
C ARG A 313 7.81 -29.91 12.00
N LYS A 314 7.40 -30.63 13.04
CA LYS A 314 6.54 -30.06 14.07
C LYS A 314 7.36 -29.29 15.10
N ASP A 315 8.20 -28.36 14.64
CA ASP A 315 8.98 -27.50 15.52
C ASP A 315 8.65 -26.02 15.38
N THR A 316 7.91 -25.63 14.35
CA THR A 316 7.54 -24.23 14.16
C THR A 316 6.03 -23.98 14.18
N LYS A 317 5.21 -25.01 14.00
CA LYS A 317 3.77 -24.84 13.93
C LYS A 317 3.09 -25.80 14.89
N GLU A 318 1.88 -25.45 15.29
CA GLU A 318 1.08 -26.23 16.22
C GLU A 318 -0.21 -26.67 15.56
N ILE A 319 -0.78 -27.76 16.07
CA ILE A 319 -2.07 -28.26 15.63
C ILE A 319 -2.97 -28.38 16.84
N TYR A 320 -4.08 -27.65 16.83
CA TYR A 320 -5.01 -27.62 17.96
C TYR A 320 -6.22 -28.48 17.61
N THR A 321 -6.08 -29.78 17.83
CA THR A 321 -7.15 -30.71 17.51
C THR A 321 -8.29 -30.58 18.52
N HIS A 322 -9.52 -30.75 18.04
CA HIS A 322 -10.70 -30.60 18.88
C HIS A 322 -11.83 -31.47 18.33
N PHE A 323 -12.59 -32.07 19.24
CA PHE A 323 -13.76 -32.88 18.88
C PHE A 323 -15.01 -32.06 19.15
N THR A 324 -15.84 -31.90 18.12
CA THR A 324 -17.04 -31.08 18.21
C THR A 324 -18.28 -31.90 17.84
N CYS A 325 -19.43 -31.25 17.89
CA CYS A 325 -20.70 -31.87 17.53
C CYS A 325 -21.67 -30.78 17.14
N ALA A 326 -22.79 -31.20 16.54
CA ALA A 326 -23.80 -30.24 16.10
C ALA A 326 -24.37 -29.47 17.30
N THR A 327 -24.72 -30.19 18.37
CA THR A 327 -25.22 -29.56 19.59
C THR A 327 -24.09 -29.46 20.61
N ASP A 328 -23.18 -28.53 20.34
CA ASP A 328 -22.03 -28.32 21.21
C ASP A 328 -21.49 -26.92 20.92
N THR A 329 -21.61 -26.02 21.89
CA THR A 329 -21.14 -24.64 21.73
C THR A 329 -19.96 -24.42 22.67
N LYS A 330 -18.78 -24.86 22.22
CA LYS A 330 -17.53 -24.53 22.90
C LYS A 330 -16.38 -24.30 21.92
N ASN A 331 -16.63 -24.34 20.61
CA ASN A 331 -15.56 -24.23 19.63
C ASN A 331 -15.07 -22.80 19.49
N VAL A 332 -15.92 -21.81 19.77
CA VAL A 332 -15.49 -20.42 19.70
C VAL A 332 -14.40 -20.16 20.75
N GLN A 333 -14.58 -20.68 21.95
CA GLN A 333 -13.57 -20.52 22.99
C GLN A 333 -12.26 -21.22 22.60
N PHE A 334 -12.37 -22.40 21.98
CA PHE A 334 -11.17 -23.11 21.54
C PHE A 334 -10.42 -22.32 20.49
N VAL A 335 -11.14 -21.77 19.51
CA VAL A 335 -10.49 -20.95 18.49
C VAL A 335 -9.89 -19.71 19.12
N PHE A 336 -10.57 -19.13 20.10
CA PHE A 336 -10.06 -17.94 20.78
C PHE A 336 -8.76 -18.25 21.51
N ASP A 337 -8.70 -19.38 22.21
CA ASP A 337 -7.48 -19.75 22.92
C ASP A 337 -6.33 -20.04 21.96
N ALA A 338 -6.61 -20.76 20.87
CA ALA A 338 -5.56 -21.03 19.89
C ALA A 338 -5.06 -19.73 19.26
N VAL A 339 -5.97 -18.82 18.94
CA VAL A 339 -5.59 -17.54 18.34
C VAL A 339 -4.82 -16.69 19.33
N THR A 340 -5.18 -16.75 20.61
CA THR A 340 -4.44 -16.02 21.64
C THR A 340 -3.02 -16.53 21.74
N ASP A 341 -2.83 -17.85 21.72
CA ASP A 341 -1.47 -18.39 21.71
C ASP A 341 -0.71 -17.97 20.46
N VAL A 342 -1.38 -17.98 19.30
CA VAL A 342 -0.73 -17.56 18.06
C VAL A 342 -0.33 -16.09 18.14
N ILE A 343 -1.18 -15.24 18.71
CA ILE A 343 -0.86 -13.83 18.86
C ILE A 343 0.31 -13.62 19.80
N ILE A 344 0.33 -14.37 20.90
CA ILE A 344 1.46 -14.28 21.85
C ILE A 344 2.75 -14.65 21.14
N LYS A 345 2.74 -15.73 20.37
CA LYS A 345 3.94 -16.12 19.63
C LYS A 345 4.32 -15.06 18.59
N ASN A 346 3.32 -14.49 17.91
CA ASN A 346 3.59 -13.52 16.86
C ASN A 346 4.24 -12.26 17.42
N ASN A 347 3.71 -11.75 18.53
CA ASN A 347 4.31 -10.55 19.10
C ASN A 347 5.55 -10.87 19.94
N LEU A 348 5.79 -12.13 20.29
CA LEU A 348 7.10 -12.51 20.80
C LEU A 348 8.15 -12.46 19.70
N LYS A 349 7.80 -12.92 18.50
CA LYS A 349 8.68 -12.72 17.34
C LYS A 349 8.87 -11.24 17.06
N ASP A 350 7.79 -10.45 17.14
CA ASP A 350 7.87 -9.02 16.87
C ASP A 350 8.77 -8.32 17.88
N CYS A 351 8.67 -8.69 19.16
CA CYS A 351 9.51 -8.09 20.19
C CYS A 351 10.96 -8.56 20.12
N GLY A 352 11.25 -9.58 19.32
CA GLY A 352 12.61 -10.07 19.20
C GLY A 352 13.07 -10.96 20.33
N LEU A 353 12.15 -11.45 21.16
CA LEU A 353 12.55 -12.30 22.27
C LEU A 353 12.89 -13.72 21.84
N PHE A 354 12.21 -14.23 20.81
CA PHE A 354 12.42 -15.60 20.35
C PHE A 354 13.83 -15.79 19.80
N ASP B 10 -12.64 -42.61 -30.33
CA ASP B 10 -11.84 -43.60 -31.04
C ASP B 10 -11.27 -43.02 -32.33
N GLN B 11 -12.08 -43.05 -33.39
CA GLN B 11 -11.65 -42.50 -34.67
C GLN B 11 -11.44 -41.00 -34.58
N LEU B 12 -12.27 -40.31 -33.79
CA LEU B 12 -12.12 -38.87 -33.63
C LEU B 12 -10.80 -38.53 -32.95
N ARG B 13 -10.39 -39.33 -31.96
CA ARG B 13 -9.10 -39.10 -31.32
C ARG B 13 -7.95 -39.27 -32.29
N GLN B 14 -8.02 -40.30 -33.15
CA GLN B 14 -6.99 -40.50 -34.15
C GLN B 14 -6.96 -39.33 -35.14
N GLU B 15 -8.13 -38.84 -35.54
CA GLU B 15 -8.19 -37.69 -36.44
C GLU B 15 -7.57 -36.46 -35.78
N ALA B 16 -7.86 -36.24 -34.50
CA ALA B 16 -7.29 -35.10 -33.79
C ALA B 16 -5.77 -35.22 -33.69
N GLU B 17 -5.27 -36.43 -33.41
CA GLU B 17 -3.83 -36.63 -33.37
C GLU B 17 -3.19 -36.38 -34.72
N GLN B 18 -3.83 -36.84 -35.79
CA GLN B 18 -3.32 -36.58 -37.14
C GLN B 18 -3.31 -35.09 -37.45
N LEU B 19 -4.36 -34.38 -37.04
CA LEU B 19 -4.41 -32.93 -37.26
C LEU B 19 -3.31 -32.21 -36.49
N LYS B 20 -3.07 -32.63 -35.25
CA LYS B 20 -1.98 -32.04 -34.46
C LYS B 20 -0.64 -32.30 -35.11
N ASN B 21 -0.43 -33.53 -35.62
CA ASN B 21 0.81 -33.84 -36.32
C ASN B 21 0.96 -33.00 -37.58
N GLN B 22 -0.14 -32.78 -38.30
CA GLN B 22 -0.11 -31.94 -39.49
C GLN B 22 0.27 -30.50 -39.14
N ILE B 23 -0.31 -29.97 -38.05
CA ILE B 23 0.03 -28.61 -37.61
C ILE B 23 1.50 -28.52 -37.24
N ARG B 24 2.00 -29.52 -36.50
CA ARG B 24 3.41 -29.53 -36.11
C ARG B 24 4.31 -29.60 -37.33
N ASP B 25 3.95 -30.42 -38.32
CA ASP B 25 4.76 -30.53 -39.53
C ASP B 25 4.77 -29.23 -40.32
N ALA B 26 3.61 -28.56 -40.40
CA ALA B 26 3.56 -27.26 -41.08
C ALA B 26 4.42 -26.23 -40.36
N ARG B 27 4.35 -26.20 -39.03
CA ARG B 27 5.18 -25.26 -38.27
C ARG B 27 6.67 -25.56 -38.47
N LYS B 28 7.05 -26.84 -38.47
CA LYS B 28 8.44 -27.20 -38.71
C LYS B 28 8.89 -26.79 -40.11
N ALA B 29 8.02 -26.97 -41.10
CA ALA B 29 8.35 -26.55 -42.46
C ALA B 29 8.54 -25.04 -42.53
N CYS B 30 7.71 -24.28 -41.81
CA CYS B 30 7.83 -22.84 -41.81
C CYS B 30 9.07 -22.34 -41.07
N ALA B 31 9.77 -23.21 -40.33
CA ALA B 31 10.95 -22.83 -39.57
C ALA B 31 12.15 -22.74 -40.51
N ASP B 32 12.17 -21.67 -41.30
CA ASP B 32 13.27 -21.46 -42.24
C ASP B 32 14.59 -21.24 -41.51
N ALA B 33 14.57 -20.45 -40.44
CA ALA B 33 15.78 -20.14 -39.69
C ALA B 33 15.37 -19.77 -38.26
N THR B 34 16.30 -19.19 -37.52
CA THR B 34 16.07 -18.77 -36.15
C THR B 34 16.32 -17.27 -36.03
N LEU B 35 15.51 -16.59 -35.21
CA LEU B 35 15.69 -15.16 -34.99
C LEU B 35 17.04 -14.86 -34.33
N SER B 36 17.55 -15.80 -33.54
CA SER B 36 18.85 -15.62 -32.91
C SER B 36 19.97 -15.52 -33.95
N GLN B 37 19.92 -16.36 -34.98
CA GLN B 37 20.94 -16.32 -36.02
C GLN B 37 20.95 -14.97 -36.74
N ILE B 38 19.76 -14.44 -37.04
CA ILE B 38 19.68 -13.16 -37.73
C ILE B 38 20.13 -12.02 -36.82
N THR B 39 19.74 -12.06 -35.55
CA THR B 39 20.06 -10.99 -34.62
C THR B 39 21.50 -11.07 -34.10
N ASN B 40 22.21 -12.16 -34.36
CA ASN B 40 23.61 -12.26 -33.94
C ASN B 40 24.52 -11.28 -34.67
N ASN B 41 24.05 -10.63 -35.73
CA ASN B 41 24.88 -9.77 -36.56
C ASN B 41 24.84 -8.31 -36.14
N ILE B 42 24.17 -7.98 -35.03
CA ILE B 42 24.07 -6.60 -34.58
C ILE B 42 24.56 -6.49 -33.14
N ASP B 43 24.94 -5.27 -32.77
CA ASP B 43 25.42 -5.02 -31.43
C ASP B 43 24.25 -5.06 -30.44
N PRO B 44 24.39 -5.76 -29.31
CA PRO B 44 23.33 -5.76 -28.30
C PRO B 44 23.36 -4.48 -27.47
N VAL B 45 22.34 -4.34 -26.62
CA VAL B 45 22.34 -3.26 -25.65
C VAL B 45 23.45 -3.50 -24.64
N GLY B 46 24.26 -2.48 -24.38
CA GLY B 46 25.42 -2.64 -23.54
C GLY B 46 25.10 -3.09 -22.13
N ARG B 47 24.46 -2.20 -21.36
CA ARG B 47 24.03 -2.54 -20.00
C ARG B 47 22.95 -1.56 -19.61
N ILE B 48 21.72 -2.05 -19.46
CA ILE B 48 20.61 -1.21 -19.05
C ILE B 48 20.74 -0.93 -17.56
N GLN B 49 20.71 0.35 -17.19
CA GLN B 49 20.85 0.78 -15.80
C GLN B 49 19.71 1.73 -15.49
N MET B 50 18.69 1.25 -14.79
CA MET B 50 17.53 2.04 -14.42
C MET B 50 17.47 2.15 -12.91
N ARG B 51 17.49 3.36 -12.40
CA ARG B 51 17.43 3.62 -10.97
C ARG B 51 16.00 3.98 -10.55
N THR B 52 15.72 3.76 -9.27
CA THR B 52 14.39 4.04 -8.73
C THR B 52 14.18 5.55 -8.70
N ARG B 53 13.49 6.07 -9.70
CA ARG B 53 13.18 7.50 -9.72
C ARG B 53 12.14 7.85 -8.66
N ARG B 54 11.11 7.03 -8.52
CA ARG B 54 10.07 7.28 -7.55
C ARG B 54 9.75 6.01 -6.76
N THR B 55 9.31 6.19 -5.53
CA THR B 55 8.85 5.10 -4.68
C THR B 55 7.51 5.49 -4.10
N LEU B 56 6.45 4.81 -4.53
CA LEU B 56 5.10 5.07 -4.04
C LEU B 56 4.80 4.14 -2.89
N ARG B 57 4.47 4.72 -1.73
CA ARG B 57 4.14 4.00 -0.52
C ARG B 57 2.75 4.42 -0.04
N GLY B 58 2.08 3.52 0.65
CA GLY B 58 0.72 3.77 1.10
C GLY B 58 -0.12 2.52 1.07
N HIS B 59 0.32 1.52 0.32
CA HIS B 59 -0.30 0.20 0.36
C HIS B 59 0.21 -0.55 1.58
N LEU B 60 -0.70 -1.22 2.28
CA LEU B 60 -0.39 -1.92 3.51
C LEU B 60 -0.66 -3.43 3.36
N ALA B 61 -0.37 -3.96 2.18
CA ALA B 61 -0.51 -5.37 1.88
C ALA B 61 0.21 -5.62 0.57
N LYS B 62 0.20 -6.87 0.12
CA LYS B 62 0.84 -7.20 -1.15
C LYS B 62 0.13 -6.51 -2.31
N ILE B 63 0.91 -5.95 -3.22
CA ILE B 63 0.37 -5.33 -4.43
C ILE B 63 0.27 -6.39 -5.50
N TYR B 64 -0.91 -6.55 -6.08
CA TYR B 64 -1.15 -7.65 -7.01
C TYR B 64 -1.28 -7.23 -8.46
N ALA B 65 -1.62 -5.97 -8.74
CA ALA B 65 -1.71 -5.51 -10.11
C ALA B 65 -1.57 -4.00 -10.16
N MET B 66 -0.93 -3.51 -11.21
CA MET B 66 -0.87 -2.08 -11.51
C MET B 66 -1.08 -1.89 -13.00
N HIS B 67 -1.61 -0.71 -13.36
CA HIS B 67 -1.83 -0.39 -14.76
C HIS B 67 -1.60 1.10 -14.97
N TRP B 68 -0.80 1.43 -15.96
CA TRP B 68 -0.54 2.83 -16.29
C TRP B 68 -1.73 3.45 -17.00
N GLY B 69 -1.85 4.76 -16.89
CA GLY B 69 -2.81 5.49 -17.71
C GLY B 69 -2.28 5.74 -19.11
N THR B 70 -3.21 6.08 -20.01
CA THR B 70 -2.80 6.36 -21.38
C THR B 70 -1.99 7.65 -21.48
N ASP B 71 -2.29 8.64 -20.63
CA ASP B 71 -1.42 9.80 -20.52
C ASP B 71 -0.08 9.47 -19.87
N SER B 72 0.05 8.29 -19.27
CA SER B 72 1.29 7.80 -18.68
C SER B 72 1.82 8.76 -17.61
N ARG B 73 0.91 9.35 -16.85
CA ARG B 73 1.25 10.08 -15.64
C ARG B 73 0.52 9.54 -14.42
N LEU B 74 -0.74 9.18 -14.56
CA LEU B 74 -1.49 8.52 -13.51
C LEU B 74 -1.39 7.01 -13.69
N LEU B 75 -1.38 6.30 -12.57
CA LEU B 75 -1.35 4.84 -12.62
C LEU B 75 -2.19 4.27 -11.48
N VAL B 76 -2.93 3.21 -11.77
CA VAL B 76 -3.79 2.57 -10.79
C VAL B 76 -3.07 1.35 -10.24
N SER B 77 -3.25 1.10 -8.94
CA SER B 77 -2.60 0.00 -8.27
C SER B 77 -3.60 -0.69 -7.35
N ALA B 78 -3.59 -2.03 -7.36
CA ALA B 78 -4.50 -2.84 -6.58
C ALA B 78 -3.72 -3.59 -5.51
N SER B 79 -4.22 -3.57 -4.28
CA SER B 79 -3.58 -4.30 -3.20
C SER B 79 -4.62 -5.06 -2.39
N GLN B 80 -4.13 -6.00 -1.58
CA GLN B 80 -4.98 -6.93 -0.85
C GLN B 80 -5.61 -6.34 0.40
N ASP B 81 -5.27 -5.11 0.77
CA ASP B 81 -6.00 -4.41 1.82
C ASP B 81 -7.30 -3.81 1.34
N GLY B 82 -7.79 -4.25 0.19
CA GLY B 82 -9.00 -3.69 -0.39
C GLY B 82 -8.83 -2.26 -0.85
N LYS B 83 -7.69 -1.94 -1.44
CA LYS B 83 -7.38 -0.58 -1.85
C LYS B 83 -6.98 -0.53 -3.32
N LEU B 84 -7.52 0.46 -4.01
CA LEU B 84 -7.18 0.77 -5.40
C LEU B 84 -6.71 2.23 -5.40
N ILE B 85 -5.40 2.44 -5.50
CA ILE B 85 -4.81 3.77 -5.38
C ILE B 85 -4.43 4.27 -6.76
N ILE B 86 -4.82 5.50 -7.08
CA ILE B 86 -4.38 6.18 -8.29
C ILE B 86 -3.26 7.13 -7.92
N TRP B 87 -2.08 6.90 -8.49
CA TRP B 87 -0.89 7.65 -8.18
C TRP B 87 -0.59 8.64 -9.30
N ASP B 88 -0.23 9.85 -8.91
CA ASP B 88 0.45 10.80 -9.78
C ASP B 88 1.93 10.44 -9.74
N SER B 89 2.41 9.77 -10.79
CA SER B 89 3.78 9.25 -10.77
C SER B 89 4.81 10.38 -10.73
N TYR B 90 4.49 11.53 -11.31
CA TYR B 90 5.48 12.62 -11.38
C TYR B 90 5.78 13.18 -10.01
N THR B 91 4.74 13.50 -9.23
CA THR B 91 4.90 14.16 -7.95
C THR B 91 4.66 13.25 -6.75
N THR B 92 4.30 11.99 -6.98
CA THR B 92 4.15 10.99 -5.92
C THR B 92 3.08 11.42 -4.90
N ASN B 93 1.87 11.63 -5.40
CA ASN B 93 0.72 11.89 -4.56
C ASN B 93 -0.45 11.04 -5.02
N LYS B 94 -1.34 10.75 -4.08
CA LYS B 94 -2.47 9.86 -4.35
C LYS B 94 -3.66 10.68 -4.82
N VAL B 95 -4.01 10.54 -6.10
CA VAL B 95 -5.15 11.26 -6.64
C VAL B 95 -6.45 10.71 -6.09
N HIS B 96 -6.59 9.39 -6.05
CA HIS B 96 -7.78 8.73 -5.56
C HIS B 96 -7.39 7.50 -4.76
N ALA B 97 -8.24 7.12 -3.81
CA ALA B 97 -8.08 5.89 -3.05
C ALA B 97 -9.46 5.24 -2.96
N ILE B 98 -9.69 4.22 -3.79
CA ILE B 98 -10.99 3.57 -3.91
C ILE B 98 -11.00 2.36 -2.98
N PRO B 99 -11.95 2.25 -2.06
CA PRO B 99 -12.07 1.03 -1.26
C PRO B 99 -12.91 -0.03 -1.95
N LEU B 100 -12.38 -1.24 -2.05
CA LEU B 100 -13.05 -2.33 -2.75
C LEU B 100 -13.96 -3.11 -1.80
N ARG B 101 -15.08 -3.59 -2.35
CA ARG B 101 -16.00 -4.39 -1.56
C ARG B 101 -15.36 -5.69 -1.10
N SER B 102 -14.60 -6.34 -2.00
CA SER B 102 -13.85 -7.54 -1.66
C SER B 102 -12.36 -7.25 -1.81
N SER B 103 -11.60 -7.53 -0.76
CA SER B 103 -10.18 -7.21 -0.75
C SER B 103 -9.33 -8.20 -1.54
N TRP B 104 -9.92 -9.29 -2.03
CA TRP B 104 -9.18 -10.32 -2.75
C TRP B 104 -9.22 -9.97 -4.22
N VAL B 105 -8.26 -9.15 -4.65
CA VAL B 105 -8.19 -8.67 -6.03
C VAL B 105 -6.83 -9.04 -6.60
N MET B 106 -6.83 -9.57 -7.82
CA MET B 106 -5.60 -9.94 -8.50
C MET B 106 -5.40 -9.22 -9.82
N THR B 107 -6.27 -8.27 -10.18
CA THR B 107 -6.11 -7.54 -11.41
C THR B 107 -6.74 -6.16 -11.28
N CYS B 108 -6.26 -5.23 -12.09
CA CYS B 108 -6.80 -3.89 -12.16
C CYS B 108 -6.51 -3.33 -13.55
N ALA B 109 -7.44 -2.53 -14.06
CA ALA B 109 -7.31 -1.96 -15.40
C ALA B 109 -7.66 -0.47 -15.37
N TYR B 110 -7.01 0.27 -16.26
CA TYR B 110 -7.27 1.69 -16.46
C TYR B 110 -7.87 1.88 -17.85
N ALA B 111 -9.02 2.56 -17.89
CA ALA B 111 -9.67 2.80 -19.18
C ALA B 111 -8.77 3.67 -20.06
N PRO B 112 -8.74 3.42 -21.37
CA PRO B 112 -7.93 4.28 -22.25
C PRO B 112 -8.35 5.74 -22.23
N SER B 113 -9.65 6.01 -22.09
CA SER B 113 -10.11 7.39 -21.96
C SER B 113 -9.66 7.99 -20.64
N GLY B 114 -9.61 7.19 -19.57
CA GLY B 114 -9.26 7.66 -18.26
C GLY B 114 -10.41 7.91 -17.32
N ASN B 115 -11.64 7.74 -17.79
CA ASN B 115 -12.81 8.00 -16.94
C ASN B 115 -13.15 6.83 -16.03
N TYR B 116 -12.60 5.65 -16.27
CA TYR B 116 -13.00 4.45 -15.54
C TYR B 116 -11.78 3.65 -15.14
N VAL B 117 -11.95 2.84 -14.09
CA VAL B 117 -11.01 1.80 -13.71
C VAL B 117 -11.80 0.52 -13.51
N ALA B 118 -11.10 -0.61 -13.53
CA ALA B 118 -11.73 -1.90 -13.31
C ALA B 118 -10.87 -2.74 -12.39
N CYS B 119 -11.51 -3.62 -11.63
CA CYS B 119 -10.78 -4.50 -10.72
C CYS B 119 -11.56 -5.80 -10.54
N GLY B 120 -10.84 -6.84 -10.11
CA GLY B 120 -11.48 -8.11 -9.88
C GLY B 120 -10.55 -9.09 -9.21
N GLY B 121 -11.12 -10.20 -8.75
CA GLY B 121 -10.35 -11.21 -8.06
C GLY B 121 -11.16 -12.42 -7.64
N LEU B 122 -10.97 -12.87 -6.40
CA LEU B 122 -11.60 -14.08 -5.90
C LEU B 122 -13.11 -13.96 -5.74
N ASP B 123 -13.71 -12.81 -6.04
CA ASP B 123 -15.16 -12.66 -6.00
C ASP B 123 -15.81 -13.00 -7.33
N ASN B 124 -15.02 -13.31 -8.36
CA ASN B 124 -15.51 -13.69 -9.69
C ASN B 124 -16.32 -12.57 -10.34
N ILE B 125 -16.05 -11.33 -9.95
CA ILE B 125 -16.76 -10.16 -10.46
C ILE B 125 -15.74 -9.14 -10.94
N CYS B 126 -16.05 -8.48 -12.05
CA CYS B 126 -15.27 -7.34 -12.53
C CYS B 126 -16.05 -6.07 -12.21
N SER B 127 -15.50 -5.24 -11.35
CA SER B 127 -16.15 -4.00 -10.91
C SER B 127 -15.55 -2.82 -11.66
N ILE B 128 -16.42 -1.97 -12.19
CA ILE B 128 -16.04 -0.78 -12.94
C ILE B 128 -16.34 0.44 -12.08
N TYR B 129 -15.34 1.29 -11.88
CA TYR B 129 -15.45 2.49 -11.07
C TYR B 129 -15.32 3.72 -11.96
N ASN B 130 -16.27 4.65 -11.82
CA ASN B 130 -16.28 5.88 -12.59
C ASN B 130 -15.45 6.93 -11.86
N LEU B 131 -14.34 7.34 -12.48
CA LEU B 131 -13.43 8.27 -11.83
C LEU B 131 -13.93 9.71 -11.87
N LYS B 132 -14.65 10.08 -12.92
CA LYS B 132 -15.05 11.47 -13.15
C LYS B 132 -16.57 11.57 -13.01
N THR B 133 -17.02 11.83 -11.78
CA THR B 133 -18.43 12.00 -11.49
C THR B 133 -18.74 13.48 -11.23
N ARG B 134 -20.03 13.82 -11.31
CA ARG B 134 -20.46 15.15 -10.92
C ARG B 134 -20.25 15.40 -9.43
N GLU B 135 -20.16 14.35 -8.64
CA GLU B 135 -19.77 14.45 -7.24
C GLU B 135 -18.25 14.40 -7.14
N GLY B 136 -17.74 14.42 -5.92
CA GLY B 136 -16.31 14.43 -5.70
C GLY B 136 -15.69 13.08 -5.41
N ASN B 137 -16.44 11.99 -5.55
CA ASN B 137 -15.97 10.66 -5.19
C ASN B 137 -15.85 9.78 -6.43
N VAL B 138 -15.33 8.57 -6.20
CA VAL B 138 -15.29 7.52 -7.21
C VAL B 138 -16.28 6.45 -6.78
N ARG B 139 -17.23 6.13 -7.65
CA ARG B 139 -18.27 5.17 -7.35
C ARG B 139 -18.26 4.04 -8.38
N VAL B 140 -18.72 2.87 -7.94
CA VAL B 140 -18.79 1.72 -8.81
C VAL B 140 -20.00 1.85 -9.74
N SER B 141 -19.76 1.70 -11.04
CA SER B 141 -20.81 1.84 -12.04
C SER B 141 -21.43 0.51 -12.43
N ARG B 142 -20.61 -0.51 -12.67
CA ARG B 142 -21.10 -1.81 -13.11
C ARG B 142 -20.37 -2.92 -12.37
N GLU B 143 -21.08 -4.03 -12.14
CA GLU B 143 -20.53 -5.22 -11.51
C GLU B 143 -20.78 -6.41 -12.45
N LEU B 144 -19.85 -6.63 -13.37
CA LEU B 144 -19.96 -7.74 -14.32
C LEU B 144 -19.70 -9.05 -13.59
N ALA B 145 -20.76 -9.81 -13.34
CA ALA B 145 -20.70 -11.06 -12.58
C ALA B 145 -21.30 -12.19 -13.42
N GLY B 146 -20.48 -12.82 -14.25
CA GLY B 146 -20.93 -13.96 -15.02
C GLY B 146 -19.92 -15.10 -15.06
N HIS B 147 -18.74 -14.88 -14.50
CA HIS B 147 -17.71 -15.89 -14.47
C HIS B 147 -17.93 -16.86 -13.31
N THR B 148 -17.41 -18.07 -13.46
CA THR B 148 -17.51 -19.10 -12.44
C THR B 148 -16.21 -19.32 -11.69
N GLY B 149 -15.13 -18.64 -12.08
CA GLY B 149 -13.87 -18.72 -11.37
C GLY B 149 -13.32 -17.34 -11.10
N TYR B 150 -12.17 -17.32 -10.42
CA TYR B 150 -11.54 -16.06 -10.07
C TYR B 150 -11.11 -15.32 -11.32
N LEU B 151 -11.17 -14.00 -11.26
CA LEU B 151 -10.79 -13.15 -12.40
C LEU B 151 -9.30 -12.90 -12.35
N SER B 152 -8.59 -13.28 -13.41
CA SER B 152 -7.15 -13.11 -13.47
C SER B 152 -6.70 -11.84 -14.16
N CYS B 153 -7.48 -11.35 -15.13
CA CYS B 153 -7.10 -10.15 -15.85
C CYS B 153 -8.35 -9.50 -16.43
N CYS B 154 -8.19 -8.23 -16.82
CA CYS B 154 -9.26 -7.48 -17.48
C CYS B 154 -8.62 -6.32 -18.23
N ARG B 155 -9.15 -6.02 -19.41
CA ARG B 155 -8.60 -4.97 -20.26
C ARG B 155 -9.74 -4.26 -20.98
N PHE B 156 -9.81 -2.94 -20.82
CA PHE B 156 -10.84 -2.14 -21.47
C PHE B 156 -10.59 -2.11 -22.97
N LEU B 157 -11.55 -2.61 -23.75
CA LEU B 157 -11.52 -2.37 -25.19
C LEU B 157 -11.76 -0.89 -25.48
N ASP B 158 -12.83 -0.34 -24.92
CA ASP B 158 -13.12 1.08 -24.97
C ASP B 158 -13.92 1.43 -23.71
N ASP B 159 -14.59 2.58 -23.74
CA ASP B 159 -15.35 3.03 -22.57
C ASP B 159 -16.51 2.09 -22.23
N ASN B 160 -16.95 1.26 -23.18
CA ASN B 160 -18.12 0.42 -22.97
C ASN B 160 -17.88 -1.07 -23.24
N GLN B 161 -16.66 -1.47 -23.60
CA GLN B 161 -16.34 -2.87 -23.85
C GLN B 161 -15.13 -3.27 -23.04
N ILE B 162 -15.24 -4.40 -22.34
CA ILE B 162 -14.16 -4.92 -21.52
C ILE B 162 -14.11 -6.44 -21.69
N VAL B 163 -12.90 -6.98 -21.80
CA VAL B 163 -12.68 -8.42 -21.88
C VAL B 163 -11.99 -8.88 -20.59
N THR B 164 -12.55 -9.91 -19.97
CA THR B 164 -12.04 -10.44 -18.72
C THR B 164 -11.76 -11.93 -18.86
N SER B 165 -10.62 -12.37 -18.33
CA SER B 165 -10.26 -13.78 -18.29
C SER B 165 -10.44 -14.31 -16.86
N SER B 166 -10.98 -15.51 -16.75
CA SER B 166 -11.28 -16.07 -15.44
C SER B 166 -10.58 -17.40 -15.25
N GLY B 167 -10.62 -17.89 -14.01
CA GLY B 167 -10.06 -19.18 -13.66
C GLY B 167 -10.92 -20.36 -14.00
N ASP B 168 -12.08 -20.12 -14.61
CA ASP B 168 -12.94 -21.19 -15.12
C ASP B 168 -12.57 -21.59 -16.55
N THR B 169 -11.33 -21.35 -16.96
CA THR B 169 -10.83 -21.70 -18.30
C THR B 169 -11.67 -21.02 -19.38
N THR B 170 -11.93 -19.73 -19.19
CA THR B 170 -12.86 -19.01 -20.06
C THR B 170 -12.56 -17.53 -20.02
N CYS B 171 -12.62 -16.89 -21.19
CA CYS B 171 -12.61 -15.44 -21.29
C CYS B 171 -13.99 -14.96 -21.73
N ALA B 172 -14.24 -13.67 -21.55
CA ALA B 172 -15.53 -13.10 -21.92
C ALA B 172 -15.35 -11.67 -22.36
N LEU B 173 -16.21 -11.24 -23.28
CA LEU B 173 -16.29 -9.85 -23.72
C LEU B 173 -17.67 -9.33 -23.36
N TRP B 174 -17.70 -8.27 -22.56
CA TRP B 174 -18.92 -7.78 -21.94
C TRP B 174 -19.38 -6.48 -22.60
N ASP B 175 -20.63 -6.11 -22.30
CA ASP B 175 -21.18 -4.81 -22.63
C ASP B 175 -21.48 -4.12 -21.31
N ILE B 176 -20.65 -3.14 -20.95
CA ILE B 176 -20.76 -2.51 -19.63
C ILE B 176 -22.08 -1.78 -19.47
N GLU B 177 -22.68 -1.33 -20.59
CA GLU B 177 -23.96 -0.64 -20.49
C GLU B 177 -25.05 -1.56 -19.94
N THR B 178 -25.08 -2.81 -20.40
CA THR B 178 -26.09 -3.77 -19.95
C THR B 178 -25.57 -4.76 -18.91
N GLY B 179 -24.26 -4.99 -18.87
CA GLY B 179 -23.70 -5.92 -17.91
C GLY B 179 -23.74 -7.37 -18.33
N GLN B 180 -24.13 -7.67 -19.56
CA GLN B 180 -24.23 -9.03 -20.06
C GLN B 180 -23.07 -9.31 -20.99
N GLN B 181 -22.39 -10.44 -20.78
CA GLN B 181 -21.25 -10.81 -21.62
C GLN B 181 -21.75 -11.10 -23.03
N THR B 182 -21.42 -10.20 -23.96
CA THR B 182 -21.88 -10.39 -25.33
C THR B 182 -21.19 -11.57 -26.01
N THR B 183 -19.94 -11.86 -25.64
CA THR B 183 -19.21 -12.97 -26.24
C THR B 183 -18.51 -13.77 -25.16
N THR B 184 -18.40 -15.08 -25.39
CA THR B 184 -17.71 -15.99 -24.48
C THR B 184 -16.69 -16.79 -25.27
N PHE B 185 -15.44 -16.78 -24.81
CA PHE B 185 -14.34 -17.48 -25.45
C PHE B 185 -14.00 -18.69 -24.58
N THR B 186 -14.28 -19.88 -25.10
CA THR B 186 -14.18 -21.15 -24.36
C THR B 186 -13.41 -22.16 -25.20
N GLY B 187 -12.09 -22.20 -25.02
CA GLY B 187 -11.29 -23.23 -25.66
C GLY B 187 -10.15 -23.74 -24.80
N HIS B 188 -10.01 -23.20 -23.59
CA HIS B 188 -8.90 -23.53 -22.72
C HIS B 188 -9.24 -24.72 -21.83
N THR B 189 -8.20 -25.47 -21.47
CA THR B 189 -8.34 -26.58 -20.54
C THR B 189 -7.88 -26.25 -19.13
N GLY B 190 -6.97 -25.27 -18.98
CA GLY B 190 -6.54 -24.80 -17.69
C GLY B 190 -6.97 -23.36 -17.47
N ASP B 191 -6.85 -22.93 -16.21
CA ASP B 191 -7.28 -21.60 -15.82
C ASP B 191 -6.52 -20.53 -16.61
N VAL B 192 -7.24 -19.57 -17.15
CA VAL B 192 -6.64 -18.47 -17.89
C VAL B 192 -6.08 -17.46 -16.89
N MET B 193 -4.82 -17.08 -17.07
CA MET B 193 -4.13 -16.25 -16.09
C MET B 193 -3.73 -14.88 -16.58
N SER B 194 -3.86 -14.58 -17.88
CA SER B 194 -3.39 -13.30 -18.39
C SER B 194 -4.15 -12.94 -19.65
N LEU B 195 -4.03 -11.67 -20.03
CA LEU B 195 -4.64 -11.11 -21.23
C LEU B 195 -3.71 -10.07 -21.82
N SER B 196 -3.87 -9.83 -23.12
CA SER B 196 -3.10 -8.79 -23.80
C SER B 196 -3.87 -8.39 -25.05
N LEU B 197 -4.40 -7.17 -25.06
CA LEU B 197 -5.09 -6.64 -26.23
C LEU B 197 -4.08 -6.25 -27.30
N ALA B 198 -4.46 -6.44 -28.56
CA ALA B 198 -3.62 -6.01 -29.66
C ALA B 198 -3.57 -4.48 -29.69
N PRO B 199 -2.52 -3.93 -30.30
CA PRO B 199 -2.48 -2.46 -30.45
C PRO B 199 -3.67 -1.89 -31.20
N ASP B 200 -4.22 -2.63 -32.17
CA ASP B 200 -5.43 -2.22 -32.87
C ASP B 200 -6.71 -2.73 -32.21
N THR B 201 -6.59 -3.52 -31.15
CA THR B 201 -7.72 -4.01 -30.35
C THR B 201 -8.77 -4.70 -31.22
N ARG B 202 -8.31 -5.55 -32.13
CA ARG B 202 -9.19 -6.42 -32.90
C ARG B 202 -9.12 -7.88 -32.49
N LEU B 203 -8.03 -8.29 -31.83
CA LEU B 203 -7.87 -9.65 -31.36
C LEU B 203 -6.92 -9.62 -30.16
N PHE B 204 -6.94 -10.69 -29.37
CA PHE B 204 -6.12 -10.73 -28.17
C PHE B 204 -5.54 -12.12 -27.95
N VAL B 205 -4.64 -12.22 -26.98
CA VAL B 205 -4.02 -13.48 -26.58
C VAL B 205 -4.35 -13.72 -25.11
N SER B 206 -4.41 -14.99 -24.74
CA SER B 206 -4.64 -15.37 -23.35
C SER B 206 -3.86 -16.64 -23.06
N GLY B 207 -3.01 -16.59 -22.03
CA GLY B 207 -2.30 -17.77 -21.59
C GLY B 207 -3.04 -18.45 -20.45
N ALA B 208 -2.92 -19.78 -20.40
CA ALA B 208 -3.66 -20.56 -19.42
C ALA B 208 -2.72 -21.43 -18.61
N CYS B 209 -3.29 -22.13 -17.63
CA CYS B 209 -2.54 -23.05 -16.79
C CYS B 209 -2.15 -24.33 -17.50
N ASP B 210 -2.71 -24.59 -18.68
CA ASP B 210 -2.36 -25.75 -19.48
C ASP B 210 -1.14 -25.51 -20.36
N ALA B 211 -0.32 -24.51 -20.03
CA ALA B 211 0.89 -24.19 -20.78
C ALA B 211 0.58 -23.83 -22.24
N SER B 212 -0.61 -23.32 -22.49
CA SER B 212 -1.03 -22.96 -23.84
C SER B 212 -1.48 -21.50 -23.86
N ALA B 213 -1.10 -20.81 -24.94
CA ALA B 213 -1.54 -19.44 -25.19
C ALA B 213 -2.43 -19.46 -26.42
N LYS B 214 -3.67 -19.00 -26.27
CA LYS B 214 -4.63 -19.00 -27.35
C LYS B 214 -4.88 -17.57 -27.80
N LEU B 215 -4.77 -17.33 -29.10
CA LEU B 215 -5.14 -16.05 -29.69
C LEU B 215 -6.58 -16.13 -30.20
N TRP B 216 -7.43 -15.26 -29.69
CA TRP B 216 -8.84 -15.19 -30.02
C TRP B 216 -9.12 -13.91 -30.80
N ASP B 217 -10.16 -13.96 -31.63
CA ASP B 217 -10.63 -12.80 -32.38
C ASP B 217 -11.86 -12.24 -31.67
N VAL B 218 -11.82 -10.95 -31.37
CA VAL B 218 -12.90 -10.34 -30.61
C VAL B 218 -14.20 -10.33 -31.42
N ARG B 219 -14.12 -10.01 -32.71
CA ARG B 219 -15.33 -9.78 -33.50
C ARG B 219 -16.09 -11.09 -33.76
N GLU B 220 -15.39 -12.13 -34.22
CA GLU B 220 -16.08 -13.39 -34.51
C GLU B 220 -16.44 -14.14 -33.24
N GLY B 221 -15.56 -14.11 -32.24
CA GLY B 221 -15.84 -14.74 -30.98
C GLY B 221 -15.31 -16.15 -30.81
N MET B 222 -14.43 -16.60 -31.69
CA MET B 222 -13.89 -17.96 -31.64
C MET B 222 -12.37 -17.92 -31.64
N CYS B 223 -11.77 -18.98 -31.12
CA CYS B 223 -10.32 -19.07 -31.05
C CYS B 223 -9.72 -19.09 -32.45
N ARG B 224 -8.67 -18.30 -32.65
CA ARG B 224 -8.01 -18.21 -33.95
C ARG B 224 -6.74 -19.03 -34.02
N GLN B 225 -5.92 -19.02 -32.97
CA GLN B 225 -4.67 -19.77 -32.98
C GLN B 225 -4.40 -20.32 -31.58
N THR B 226 -3.58 -21.37 -31.53
CA THR B 226 -3.14 -21.98 -30.29
C THR B 226 -1.64 -22.23 -30.35
N PHE B 227 -0.93 -21.83 -29.31
CA PHE B 227 0.52 -22.00 -29.21
C PHE B 227 0.85 -22.77 -27.95
N THR B 228 1.76 -23.74 -28.08
CA THR B 228 2.14 -24.61 -26.97
C THR B 228 3.65 -24.81 -27.02
N GLY B 229 4.36 -24.14 -26.13
CA GLY B 229 5.79 -24.32 -26.02
C GLY B 229 6.28 -24.39 -24.59
N HIS B 230 5.38 -24.18 -23.63
CA HIS B 230 5.74 -24.13 -22.22
C HIS B 230 5.53 -25.48 -21.56
N GLU B 231 6.00 -25.59 -20.31
CA GLU B 231 5.88 -26.81 -19.53
C GLU B 231 4.98 -26.68 -18.32
N SER B 232 4.72 -25.46 -17.85
CA SER B 232 3.88 -25.25 -16.67
C SER B 232 2.93 -24.10 -16.97
N ASP B 233 2.25 -23.62 -15.92
CA ASP B 233 1.26 -22.57 -16.09
C ASP B 233 1.88 -21.30 -16.64
N ILE B 234 1.11 -20.61 -17.49
CA ILE B 234 1.52 -19.31 -18.02
C ILE B 234 0.89 -18.25 -17.15
N ASN B 235 1.71 -17.53 -16.38
CA ASN B 235 1.20 -16.55 -15.43
C ASN B 235 1.07 -15.16 -16.03
N ALA B 236 1.73 -14.90 -17.16
CA ALA B 236 1.74 -13.56 -17.72
C ALA B 236 1.87 -13.64 -19.23
N ILE B 237 1.13 -12.77 -19.92
CA ILE B 237 1.22 -12.63 -21.37
C ILE B 237 1.25 -11.14 -21.69
N CYS B 238 1.88 -10.81 -22.82
CA CYS B 238 2.00 -9.42 -23.24
C CYS B 238 2.13 -9.38 -24.75
N PHE B 239 1.62 -8.31 -25.36
CA PHE B 239 1.62 -8.15 -26.81
C PHE B 239 2.77 -7.26 -27.25
N PHE B 240 3.46 -7.67 -28.29
CA PHE B 240 4.52 -6.85 -28.88
C PHE B 240 3.91 -5.56 -29.43
N PRO B 241 4.63 -4.44 -29.35
CA PRO B 241 4.08 -3.18 -29.86
C PRO B 241 3.71 -3.23 -31.33
N ASN B 242 4.40 -4.04 -32.13
CA ASN B 242 4.02 -4.20 -33.53
C ASN B 242 2.64 -4.86 -33.64
N GLY B 243 2.36 -5.83 -32.78
CA GLY B 243 1.10 -6.54 -32.79
C GLY B 243 1.13 -7.90 -33.46
N ASN B 244 2.27 -8.30 -34.03
CA ASN B 244 2.39 -9.58 -34.73
C ASN B 244 3.19 -10.59 -33.91
N ALA B 245 3.35 -10.36 -32.61
CA ALA B 245 4.07 -11.27 -31.74
C ALA B 245 3.62 -11.03 -30.31
N PHE B 246 3.96 -11.96 -29.43
CA PHE B 246 3.65 -11.79 -28.01
C PHE B 246 4.64 -12.62 -27.20
N ALA B 247 4.67 -12.33 -25.89
CA ALA B 247 5.59 -12.99 -24.98
C ALA B 247 4.81 -13.55 -23.80
N THR B 248 5.17 -14.77 -23.40
CA THR B 248 4.53 -15.46 -22.29
C THR B 248 5.56 -15.79 -21.23
N GLY B 249 5.24 -15.50 -19.97
CA GLY B 249 6.08 -15.86 -18.84
C GLY B 249 5.41 -16.97 -18.05
N SER B 250 6.17 -18.03 -17.78
CA SER B 250 5.58 -19.24 -17.22
C SER B 250 6.27 -19.61 -15.90
N ASP B 251 5.77 -20.68 -15.27
CA ASP B 251 6.22 -21.11 -13.96
C ASP B 251 7.52 -21.91 -13.99
N ASP B 252 8.01 -22.28 -15.17
CA ASP B 252 9.31 -22.94 -15.29
C ASP B 252 10.45 -21.95 -15.49
N ALA B 253 10.30 -20.73 -14.97
CA ALA B 253 11.34 -19.71 -15.02
C ALA B 253 11.73 -19.37 -16.45
N THR B 254 10.74 -19.34 -17.34
CA THR B 254 11.01 -19.15 -18.76
C THR B 254 10.02 -18.17 -19.37
N CYS B 255 10.55 -17.29 -20.22
CA CYS B 255 9.76 -16.48 -21.12
C CYS B 255 9.89 -17.02 -22.53
N ARG B 256 8.82 -16.90 -23.31
CA ARG B 256 8.84 -17.40 -24.69
C ARG B 256 8.19 -16.37 -25.59
N LEU B 257 8.83 -16.10 -26.73
CA LEU B 257 8.33 -15.16 -27.72
C LEU B 257 7.67 -15.94 -28.85
N PHE B 258 6.34 -15.92 -28.89
CA PHE B 258 5.60 -16.54 -29.96
C PHE B 258 5.26 -15.51 -31.03
N ASP B 259 5.20 -15.97 -32.27
CA ASP B 259 4.82 -15.13 -33.40
C ASP B 259 3.41 -15.49 -33.87
N LEU B 260 2.82 -14.58 -34.63
CA LEU B 260 1.46 -14.78 -35.13
C LEU B 260 1.44 -15.44 -36.51
N ARG B 261 2.06 -14.79 -37.49
CA ARG B 261 2.05 -15.31 -38.84
C ARG B 261 2.89 -16.59 -38.94
N ALA B 262 4.03 -16.62 -38.26
CA ALA B 262 4.86 -17.83 -38.24
C ALA B 262 4.25 -18.95 -37.42
N ASP B 263 3.39 -18.62 -36.45
CA ASP B 263 2.65 -19.61 -35.65
C ASP B 263 3.57 -20.50 -34.85
N GLN B 264 4.77 -20.03 -34.51
CA GLN B 264 5.70 -20.83 -33.72
C GLN B 264 6.59 -19.90 -32.90
N GLU B 265 7.15 -20.47 -31.84
CA GLU B 265 8.02 -19.71 -30.94
C GLU B 265 9.32 -19.34 -31.66
N LEU B 266 9.84 -18.16 -31.33
CA LEU B 266 11.06 -17.64 -31.94
C LEU B 266 12.23 -17.59 -30.97
N MET B 267 12.01 -17.18 -29.73
CA MET B 267 13.08 -17.05 -28.74
C MET B 267 12.62 -17.52 -27.37
N THR B 268 13.57 -18.03 -26.60
CA THR B 268 13.33 -18.57 -25.27
C THR B 268 14.26 -17.85 -24.30
N TYR B 269 13.70 -17.04 -23.41
CA TYR B 269 14.46 -16.27 -22.44
C TYR B 269 14.48 -17.04 -21.13
N SER B 270 15.65 -17.61 -20.81
CA SER B 270 15.82 -18.41 -19.60
C SER B 270 17.29 -18.43 -19.24
N HIS B 271 17.57 -18.84 -18.01
CA HIS B 271 18.94 -18.95 -17.52
C HIS B 271 19.00 -20.00 -16.43
N ASP B 272 20.14 -20.67 -16.33
CA ASP B 272 20.33 -21.69 -15.31
C ASP B 272 20.35 -21.10 -13.90
N ASN B 273 20.66 -19.81 -13.77
CA ASN B 273 20.68 -19.16 -12.47
C ASN B 273 19.29 -18.84 -11.95
N ILE B 274 18.27 -18.86 -12.81
CA ILE B 274 16.91 -18.53 -12.43
C ILE B 274 16.07 -19.80 -12.49
N ILE B 275 15.40 -20.12 -11.38
CA ILE B 275 14.57 -21.32 -11.30
C ILE B 275 13.20 -20.94 -10.78
N CYS B 276 12.96 -19.65 -10.61
CA CYS B 276 11.70 -19.16 -10.06
C CYS B 276 10.79 -18.65 -11.17
N GLY B 277 9.48 -18.74 -10.91
CA GLY B 277 8.51 -18.39 -11.91
C GLY B 277 8.48 -16.90 -12.23
N ILE B 278 7.73 -16.57 -13.28
CA ILE B 278 7.57 -15.20 -13.75
C ILE B 278 6.12 -14.79 -13.53
N THR B 279 5.92 -13.65 -12.88
CA THR B 279 4.59 -13.16 -12.55
C THR B 279 4.06 -12.13 -13.52
N SER B 280 4.92 -11.38 -14.19
CA SER B 280 4.48 -10.33 -15.09
C SER B 280 5.51 -10.13 -16.18
N VAL B 281 5.04 -9.71 -17.36
CA VAL B 281 5.90 -9.35 -18.48
C VAL B 281 5.43 -8.03 -19.06
N SER B 282 6.36 -7.33 -19.71
CA SER B 282 6.05 -6.08 -20.39
C SER B 282 7.15 -5.80 -21.40
N PHE B 283 6.85 -4.92 -22.35
CA PHE B 283 7.76 -4.59 -23.43
C PHE B 283 8.11 -3.11 -23.39
N SER B 284 9.30 -2.77 -23.87
CA SER B 284 9.64 -1.39 -24.11
C SER B 284 8.82 -0.85 -25.28
N LYS B 285 8.86 0.47 -25.46
CA LYS B 285 8.07 1.09 -26.52
C LYS B 285 8.46 0.57 -27.89
N SER B 286 9.76 0.46 -28.15
CA SER B 286 10.21 -0.10 -29.42
C SER B 286 10.11 -1.61 -29.48
N GLY B 287 9.89 -2.27 -28.34
CA GLY B 287 9.87 -3.71 -28.28
C GLY B 287 11.23 -4.36 -28.17
N ARG B 288 12.31 -3.58 -28.01
CA ARG B 288 13.64 -4.16 -27.92
C ARG B 288 13.90 -4.78 -26.56
N LEU B 289 13.32 -4.22 -25.50
CA LEU B 289 13.52 -4.73 -24.15
C LEU B 289 12.29 -5.49 -23.70
N LEU B 290 12.49 -6.68 -23.15
CA LEU B 290 11.42 -7.46 -22.53
C LEU B 290 11.66 -7.47 -21.03
N LEU B 291 10.74 -6.88 -20.29
CA LEU B 291 10.86 -6.78 -18.84
C LEU B 291 9.97 -7.84 -18.20
N ALA B 292 10.55 -8.68 -17.35
CA ALA B 292 9.83 -9.77 -16.71
C ALA B 292 10.03 -9.71 -15.20
N GLY B 293 8.93 -9.72 -14.46
CA GLY B 293 9.02 -9.70 -13.01
C GLY B 293 9.08 -11.09 -12.42
N TYR B 294 10.26 -11.51 -11.97
CA TYR B 294 10.46 -12.87 -11.49
C TYR B 294 10.07 -13.01 -10.02
N ASP B 295 10.16 -14.23 -9.51
CA ASP B 295 9.90 -14.54 -8.12
C ASP B 295 11.12 -14.36 -7.22
N ASP B 296 12.30 -14.14 -7.80
CA ASP B 296 13.53 -13.97 -7.04
C ASP B 296 13.69 -12.57 -6.49
N PHE B 297 12.59 -11.83 -6.37
CA PHE B 297 12.46 -10.52 -5.77
C PHE B 297 12.92 -9.39 -6.69
N ASN B 298 13.40 -9.68 -7.89
CA ASN B 298 13.86 -8.64 -8.79
C ASN B 298 13.40 -8.93 -10.21
N CYS B 299 13.12 -7.87 -10.95
CA CYS B 299 12.77 -7.99 -12.36
C CYS B 299 14.03 -8.12 -13.21
N ASN B 300 13.87 -8.74 -14.37
CA ASN B 300 14.96 -8.90 -15.32
C ASN B 300 14.58 -8.25 -16.65
N VAL B 301 15.54 -7.54 -17.23
CA VAL B 301 15.37 -6.87 -18.51
C VAL B 301 16.21 -7.65 -19.52
N TRP B 302 15.54 -8.29 -20.47
CA TRP B 302 16.17 -9.09 -21.51
C TRP B 302 16.19 -8.33 -22.82
N ASP B 303 17.24 -8.54 -23.60
CA ASP B 303 17.28 -8.09 -24.99
C ASP B 303 16.37 -9.00 -25.79
N ALA B 304 15.18 -8.50 -26.15
CA ALA B 304 14.16 -9.34 -26.75
C ALA B 304 14.59 -9.92 -28.09
N LEU B 305 15.62 -9.35 -28.71
CA LEU B 305 16.08 -9.85 -30.01
C LEU B 305 17.22 -10.86 -29.88
N LYS B 306 18.00 -10.79 -28.80
CA LYS B 306 19.17 -11.65 -28.63
C LYS B 306 19.06 -12.59 -27.44
N ALA B 307 18.00 -12.49 -26.64
CA ALA B 307 17.81 -13.34 -25.45
C ALA B 307 18.98 -13.21 -24.47
N ASP B 308 19.50 -11.99 -24.33
CA ASP B 308 20.55 -11.68 -23.38
C ASP B 308 19.97 -10.85 -22.26
N ARG B 309 20.30 -11.21 -21.02
CA ARG B 309 19.82 -10.46 -19.86
C ARG B 309 20.53 -9.12 -19.82
N ALA B 310 19.84 -8.07 -20.29
CA ALA B 310 20.46 -6.75 -20.36
C ALA B 310 20.65 -6.14 -18.98
N GLY B 311 19.72 -6.37 -18.06
CA GLY B 311 19.85 -5.75 -16.75
C GLY B 311 18.94 -6.38 -15.72
N VAL B 312 19.09 -5.92 -14.48
CA VAL B 312 18.28 -6.37 -13.36
C VAL B 312 17.72 -5.14 -12.65
N LEU B 313 16.42 -5.15 -12.39
CA LEU B 313 15.76 -4.11 -11.62
C LEU B 313 15.64 -4.52 -10.15
N ALA B 314 16.79 -4.79 -9.54
CA ALA B 314 16.83 -5.14 -8.14
C ALA B 314 16.48 -3.94 -7.27
N GLY B 315 15.86 -4.21 -6.13
CA GLY B 315 15.41 -3.14 -5.25
C GLY B 315 14.09 -3.42 -4.56
N HIS B 316 13.50 -4.57 -4.83
CA HIS B 316 12.29 -5.00 -4.15
C HIS B 316 12.60 -6.07 -3.13
N ASP B 317 11.88 -6.05 -2.01
CA ASP B 317 12.13 -6.96 -0.90
C ASP B 317 11.20 -8.16 -0.89
N ASN B 318 10.43 -8.37 -1.97
CA ASN B 318 9.54 -9.51 -2.06
C ASN B 318 9.28 -9.79 -3.54
N ARG B 319 8.35 -10.71 -3.81
CA ARG B 319 8.05 -11.09 -5.18
C ARG B 319 7.46 -9.91 -5.95
N VAL B 320 7.92 -9.74 -7.19
CA VAL B 320 7.43 -8.69 -8.07
C VAL B 320 6.18 -9.23 -8.76
N SER B 321 5.00 -8.80 -8.31
CA SER B 321 3.77 -9.32 -8.86
C SER B 321 3.40 -8.64 -10.18
N CYS B 322 3.39 -7.30 -10.19
CA CYS B 322 2.99 -6.54 -11.36
C CYS B 322 4.15 -5.71 -11.88
N LEU B 323 4.05 -5.34 -13.17
CA LEU B 323 5.09 -4.57 -13.83
C LEU B 323 4.51 -4.01 -15.12
N GLY B 324 4.70 -2.72 -15.34
CA GLY B 324 4.17 -2.06 -16.52
C GLY B 324 5.14 -1.05 -17.08
N VAL B 325 4.88 -0.64 -18.32
CA VAL B 325 5.69 0.35 -19.03
C VAL B 325 4.75 1.43 -19.56
N THR B 326 5.22 2.68 -19.53
CA THR B 326 4.40 3.79 -19.96
C THR B 326 4.13 3.74 -21.46
N ASP B 327 3.15 4.53 -21.90
CA ASP B 327 2.82 4.57 -23.32
C ASP B 327 3.86 5.35 -24.12
N ASP B 328 4.56 6.29 -23.49
CA ASP B 328 5.69 6.95 -24.12
C ASP B 328 7.01 6.31 -23.77
N GLY B 329 7.01 5.22 -23.02
CA GLY B 329 8.24 4.53 -22.69
C GLY B 329 9.16 5.29 -21.76
N MET B 330 8.61 6.25 -21.01
CA MET B 330 9.46 7.05 -20.13
C MET B 330 9.91 6.27 -18.90
N ALA B 331 8.99 5.53 -18.29
CA ALA B 331 9.26 4.89 -17.00
C ALA B 331 8.77 3.46 -17.00
N VAL B 332 9.26 2.69 -16.04
CA VAL B 332 8.81 1.33 -15.79
C VAL B 332 8.35 1.27 -14.34
N ALA B 333 7.11 0.89 -14.12
CA ALA B 333 6.58 0.74 -12.77
C ALA B 333 6.57 -0.72 -12.39
N THR B 334 7.07 -1.03 -11.20
CA THR B 334 7.06 -2.39 -10.67
C THR B 334 6.39 -2.36 -9.30
N GLY B 335 5.32 -3.13 -9.15
CA GLY B 335 4.75 -3.40 -7.85
C GLY B 335 5.27 -4.71 -7.31
N SER B 336 5.10 -4.92 -6.01
CA SER B 336 5.66 -6.10 -5.38
C SER B 336 4.88 -6.43 -4.12
N TRP B 337 5.15 -7.60 -3.57
CA TRP B 337 4.47 -8.10 -2.39
C TRP B 337 4.91 -7.38 -1.11
N ASP B 338 5.92 -6.53 -1.18
CA ASP B 338 6.37 -5.74 -0.04
C ASP B 338 5.62 -4.41 0.07
N SER B 339 4.55 -4.22 -0.70
CA SER B 339 3.61 -3.11 -0.57
C SER B 339 4.16 -1.79 -1.07
N PHE B 340 5.17 -1.80 -1.94
CA PHE B 340 5.77 -0.59 -2.46
C PHE B 340 5.82 -0.64 -3.98
N LEU B 341 5.37 0.44 -4.62
CA LEU B 341 5.54 0.58 -6.06
C LEU B 341 6.81 1.38 -6.34
N LYS B 342 7.49 1.04 -7.43
CA LYS B 342 8.74 1.71 -7.77
C LYS B 342 8.73 2.09 -9.25
N ILE B 343 8.92 3.37 -9.52
CA ILE B 343 9.05 3.90 -10.87
C ILE B 343 10.54 4.05 -11.16
N TRP B 344 10.99 3.39 -12.23
CA TRP B 344 12.37 3.36 -12.65
C TRP B 344 12.51 4.03 -14.01
N ASN B 345 13.68 4.59 -14.27
CA ASN B 345 13.97 5.22 -15.55
C ASN B 345 15.44 5.09 -15.92
N GLN C 11 -17.55 -33.25 -27.64
CA GLN C 11 -16.32 -32.57 -27.25
C GLN C 11 -15.20 -32.86 -28.23
N ALA C 12 -15.10 -34.13 -28.64
CA ALA C 12 -14.07 -34.52 -29.60
C ALA C 12 -14.28 -33.86 -30.96
N ARG C 13 -15.53 -33.75 -31.40
CA ARG C 13 -15.82 -33.13 -32.68
C ARG C 13 -15.42 -31.66 -32.68
N LYS C 14 -15.70 -30.95 -31.59
CA LYS C 14 -15.32 -29.54 -31.52
C LYS C 14 -13.80 -29.37 -31.56
N LEU C 15 -13.07 -30.22 -30.84
CA LEU C 15 -11.61 -30.16 -30.87
C LEU C 15 -11.08 -30.47 -32.26
N VAL C 16 -11.68 -31.45 -32.94
CA VAL C 16 -11.25 -31.80 -34.29
C VAL C 16 -11.49 -30.63 -35.24
N GLU C 17 -12.66 -29.99 -35.14
CA GLU C 17 -12.96 -28.84 -35.99
C GLU C 17 -12.00 -27.68 -35.72
N GLN C 18 -11.69 -27.42 -34.44
CA GLN C 18 -10.75 -26.36 -34.10
C GLN C 18 -9.37 -26.66 -34.66
N LEU C 19 -8.92 -27.91 -34.53
CA LEU C 19 -7.62 -28.28 -35.08
C LEU C 19 -7.59 -28.14 -36.59
N LYS C 20 -8.68 -28.53 -37.27
CA LYS C 20 -8.74 -28.38 -38.72
C LYS C 20 -8.69 -26.91 -39.12
N MET C 21 -9.41 -26.06 -38.39
CA MET C 21 -9.38 -24.62 -38.68
C MET C 21 -7.98 -24.06 -38.47
N GLU C 22 -7.31 -24.48 -37.40
CA GLU C 22 -5.95 -23.99 -37.13
C GLU C 22 -4.97 -24.47 -38.18
N ALA C 23 -5.13 -25.70 -38.68
CA ALA C 23 -4.19 -26.24 -39.66
C ALA C 23 -4.26 -25.48 -40.97
N ASN C 24 -5.46 -25.13 -41.42
CA ASN C 24 -5.64 -24.44 -42.70
C ASN C 24 -5.47 -22.93 -42.52
N ILE C 25 -4.30 -22.55 -42.01
CA ILE C 25 -3.94 -21.16 -41.77
C ILE C 25 -2.65 -20.87 -42.51
N ASP C 26 -2.65 -19.81 -43.31
CA ASP C 26 -1.45 -19.42 -44.03
C ASP C 26 -0.38 -18.93 -43.07
N ARG C 27 0.86 -19.34 -43.32
CA ARG C 27 1.99 -18.96 -42.50
C ARG C 27 3.14 -18.49 -43.38
N ILE C 28 4.00 -17.65 -42.81
CA ILE C 28 5.17 -17.15 -43.51
C ILE C 28 6.41 -17.76 -42.87
N LYS C 29 7.54 -17.60 -43.56
CA LYS C 29 8.79 -18.14 -43.06
C LYS C 29 9.21 -17.43 -41.78
N VAL C 30 9.84 -18.20 -40.88
CA VAL C 30 10.30 -17.64 -39.61
C VAL C 30 11.32 -16.53 -39.85
N SER C 31 12.10 -16.65 -40.94
CA SER C 31 13.04 -15.58 -41.28
C SER C 31 12.31 -14.27 -41.56
N LYS C 32 11.17 -14.34 -42.24
CA LYS C 32 10.41 -13.14 -42.55
C LYS C 32 9.89 -12.46 -41.28
N ALA C 33 9.32 -13.25 -40.36
CA ALA C 33 8.82 -12.68 -39.12
C ALA C 33 9.95 -12.13 -38.25
N ALA C 34 11.08 -12.83 -38.23
CA ALA C 34 12.25 -12.35 -37.50
C ALA C 34 12.73 -11.02 -38.08
N ALA C 35 12.77 -10.91 -39.41
CA ALA C 35 13.15 -9.66 -40.03
C ALA C 35 12.14 -8.56 -39.76
N ASP C 36 10.85 -8.90 -39.68
CA ASP C 36 9.84 -7.90 -39.35
C ASP C 36 10.04 -7.34 -37.95
N LEU C 37 10.27 -8.23 -36.98
CA LEU C 37 10.53 -7.77 -35.62
C LEU C 37 11.82 -6.96 -35.56
N MET C 38 12.85 -7.39 -36.27
CA MET C 38 14.12 -6.65 -36.31
C MET C 38 13.92 -5.26 -36.88
N ALA C 39 13.16 -5.15 -37.97
CA ALA C 39 12.92 -3.86 -38.60
C ALA C 39 12.09 -2.95 -37.68
N TYR C 40 11.09 -3.51 -37.00
CA TYR C 40 10.32 -2.69 -36.07
C TYR C 40 11.19 -2.19 -34.92
N CYS C 41 12.06 -3.05 -34.39
CA CYS C 41 12.93 -2.62 -33.30
C CYS C 41 13.94 -1.58 -33.77
N GLU C 42 14.42 -1.69 -35.01
CA GLU C 42 15.39 -0.72 -35.52
C GLU C 42 14.74 0.61 -35.88
N ALA C 43 13.49 0.59 -36.33
CA ALA C 43 12.82 1.81 -36.77
C ALA C 43 12.26 2.64 -35.64
N HIS C 44 12.22 2.11 -34.42
CA HIS C 44 11.73 2.85 -33.26
C HIS C 44 12.78 2.97 -32.16
N ALA C 45 14.06 2.78 -32.51
CA ALA C 45 15.11 2.85 -31.50
C ALA C 45 15.32 4.27 -30.98
N LYS C 46 15.15 5.27 -31.84
CA LYS C 46 15.32 6.66 -31.40
C LYS C 46 14.28 7.04 -30.35
N GLU C 47 13.04 6.61 -30.53
CA GLU C 47 11.97 6.90 -29.58
C GLU C 47 11.85 5.71 -28.62
N ASP C 48 12.80 5.64 -27.70
CA ASP C 48 12.82 4.61 -26.68
C ASP C 48 13.65 5.07 -25.49
N PRO C 49 13.05 5.77 -24.52
CA PRO C 49 13.84 6.28 -23.39
C PRO C 49 14.51 5.20 -22.57
N LEU C 50 13.89 4.02 -22.44
CA LEU C 50 14.48 2.98 -21.62
C LEU C 50 15.72 2.38 -22.26
N LEU C 51 15.77 2.34 -23.60
CA LEU C 51 16.94 1.77 -24.28
C LEU C 51 18.19 2.59 -23.99
N THR C 52 18.08 3.91 -24.02
CA THR C 52 19.18 4.81 -23.71
C THR C 52 18.65 5.96 -22.86
N PRO C 53 19.21 6.18 -21.67
CA PRO C 53 18.64 7.19 -20.77
C PRO C 53 18.63 8.58 -21.39
N VAL C 54 17.53 9.29 -21.18
CA VAL C 54 17.36 10.65 -21.68
C VAL C 54 18.09 11.60 -20.73
N PRO C 55 18.51 12.78 -21.18
CA PRO C 55 19.11 13.74 -20.27
C PRO C 55 18.11 14.20 -19.22
N ALA C 56 18.63 14.57 -18.05
CA ALA C 56 17.77 14.95 -16.93
C ALA C 56 16.89 16.15 -17.26
N SER C 57 17.26 16.95 -18.25
CA SER C 57 16.42 18.08 -18.65
C SER C 57 15.09 17.61 -19.20
N GLU C 58 15.10 16.55 -20.01
CA GLU C 58 13.89 16.02 -20.63
C GLU C 58 13.26 14.87 -19.84
N ASN C 59 13.81 14.53 -18.69
CA ASN C 59 13.29 13.42 -17.89
C ASN C 59 12.21 13.94 -16.94
N PRO C 60 10.96 13.49 -17.08
CA PRO C 60 9.93 13.90 -16.11
C PRO C 60 10.10 13.29 -14.75
N PHE C 61 10.91 12.24 -14.62
CA PHE C 61 11.19 11.59 -13.34
C PHE C 61 12.65 11.89 -12.98
N ARG C 62 12.85 12.86 -12.10
CA ARG C 62 14.19 13.25 -11.68
C ARG C 62 14.15 14.00 -10.35
N ILE D 8 47.37 2.71 38.64
CA ILE D 8 45.92 2.62 38.75
C ILE D 8 45.19 3.69 37.92
N PRO D 9 45.59 4.96 38.01
CA PRO D 9 44.92 5.97 37.15
C PRO D 9 45.06 5.68 35.67
N VAL D 10 46.21 5.15 35.23
CA VAL D 10 46.37 4.82 33.82
C VAL D 10 45.41 3.71 33.41
N ILE D 11 45.29 2.68 34.25
CA ILE D 11 44.41 1.56 33.92
C ILE D 11 42.97 2.01 33.85
N ILE D 12 42.53 2.83 34.82
CA ILE D 12 41.13 3.27 34.83
C ILE D 12 40.86 4.22 33.67
N THR D 13 41.84 5.06 33.31
CA THR D 13 41.67 5.93 32.15
C THR D 13 41.56 5.13 30.86
N ALA D 14 42.39 4.10 30.71
CA ALA D 14 42.29 3.22 29.55
C ALA D 14 40.94 2.52 29.51
N VAL D 15 40.44 2.09 30.68
CA VAL D 15 39.13 1.47 30.76
C VAL D 15 38.05 2.45 30.32
N TYR D 16 38.15 3.70 30.77
CA TYR D 16 37.19 4.72 30.37
C TYR D 16 37.19 4.92 28.86
N SER D 17 38.38 5.02 28.27
CA SER D 17 38.46 5.19 26.82
C SER D 17 37.87 3.98 26.10
N VAL D 18 38.15 2.78 26.59
CA VAL D 18 37.64 1.57 25.95
C VAL D 18 36.12 1.54 25.99
N VAL D 19 35.54 1.83 27.16
CA VAL D 19 34.08 1.75 27.26
C VAL D 19 33.43 2.84 26.43
N PHE D 20 34.02 4.05 26.41
CA PHE D 20 33.45 5.12 25.60
C PHE D 20 33.47 4.75 24.11
N VAL D 21 34.60 4.23 23.64
CA VAL D 21 34.70 3.85 22.22
C VAL D 21 33.73 2.74 21.90
N VAL D 22 33.65 1.72 22.77
CA VAL D 22 32.75 0.59 22.51
C VAL D 22 31.31 1.06 22.49
N GLY D 23 30.92 1.91 23.45
CA GLY D 23 29.56 2.40 23.48
C GLY D 23 29.21 3.22 22.26
N LEU D 24 30.11 4.12 21.84
CA LEU D 24 29.85 4.93 20.66
C LEU D 24 29.69 4.05 19.42
N VAL D 25 30.61 3.10 19.23
CA VAL D 25 30.57 2.25 18.04
C VAL D 25 29.31 1.40 18.05
N GLY D 26 28.99 0.78 19.19
CA GLY D 26 27.82 -0.07 19.26
C GLY D 26 26.52 0.69 19.05
N ASN D 27 26.41 1.87 19.67
CA ASN D 27 25.20 2.67 19.50
C ASN D 27 25.04 3.11 18.04
N SER D 28 26.12 3.58 17.42
CA SER D 28 26.05 4.00 16.03
C SER D 28 25.65 2.84 15.13
N LEU D 29 26.23 1.65 15.37
CA LEU D 29 25.86 0.49 14.58
C LEU D 29 24.41 0.11 14.79
N VAL D 30 23.90 0.25 16.02
CA VAL D 30 22.52 -0.11 16.31
C VAL D 30 21.55 0.81 15.57
N MET D 31 21.81 2.12 15.62
CA MET D 31 20.95 3.04 14.86
C MET D 31 21.06 2.80 13.37
N PHE D 32 22.27 2.51 12.87
CA PHE D 32 22.43 2.23 11.45
C PHE D 32 21.64 1.01 11.03
N VAL D 33 21.69 -0.06 11.84
CA VAL D 33 20.94 -1.27 11.52
C VAL D 33 19.45 -1.01 11.58
N ILE D 34 18.98 -0.30 12.61
CA ILE D 34 17.56 -0.04 12.74
C ILE D 34 17.07 0.96 11.70
N ILE D 35 17.97 1.67 11.03
CA ILE D 35 17.59 2.63 10.01
C ILE D 35 17.86 2.13 8.60
N ARG D 36 18.89 1.32 8.38
CA ARG D 36 19.26 0.84 7.06
C ARG D 36 19.05 -0.65 6.87
N TYR D 37 19.54 -1.47 7.79
CA TYR D 37 19.42 -2.92 7.64
C TYR D 37 17.96 -3.37 7.69
N THR D 38 17.18 -2.78 8.59
CA THR D 38 15.77 -3.11 8.71
C THR D 38 14.96 -1.84 8.86
N LYS D 39 13.68 -1.93 8.52
CA LYS D 39 12.79 -0.78 8.64
C LYS D 39 12.48 -0.51 10.10
N MET D 40 12.02 0.72 10.36
CA MET D 40 11.67 1.15 11.71
C MET D 40 10.22 0.81 12.07
N LYS D 41 9.63 -0.19 11.42
CA LYS D 41 8.28 -0.61 11.75
C LYS D 41 8.24 -1.26 13.13
N THR D 42 7.02 -1.40 13.66
CA THR D 42 6.74 -1.96 14.98
C THR D 42 7.31 -1.09 16.10
N ALA D 43 6.81 -1.29 17.32
CA ALA D 43 7.24 -0.46 18.44
C ALA D 43 8.64 -0.83 18.93
N THR D 44 9.04 -2.10 18.75
CA THR D 44 10.31 -2.55 19.27
C THR D 44 11.48 -1.81 18.63
N ASN D 45 11.42 -1.60 17.31
CA ASN D 45 12.50 -0.91 16.62
C ASN D 45 12.61 0.54 17.08
N ILE D 46 11.47 1.21 17.25
CA ILE D 46 11.48 2.59 17.72
C ILE D 46 12.07 2.68 19.12
N TYR D 47 11.65 1.77 20.02
CA TYR D 47 12.19 1.77 21.37
C TYR D 47 13.69 1.51 21.37
N ILE D 48 14.14 0.57 20.55
CA ILE D 48 15.57 0.26 20.46
C ILE D 48 16.34 1.47 19.97
N PHE D 49 15.84 2.14 18.94
CA PHE D 49 16.53 3.32 18.41
C PHE D 49 16.61 4.43 19.44
N ASN D 50 15.51 4.68 20.17
CA ASN D 50 15.54 5.74 21.19
C ASN D 50 16.52 5.40 22.31
N LEU D 51 16.51 4.15 22.77
CA LEU D 51 17.46 3.74 23.80
C LEU D 51 18.90 3.87 23.33
N ALA D 52 19.16 3.49 22.08
CA ALA D 52 20.50 3.62 21.52
C ALA D 52 20.92 5.08 21.44
N LEU D 53 20.01 5.96 21.05
CA LEU D 53 20.32 7.38 20.98
C LEU D 53 20.68 7.94 22.36
N ALA D 54 19.89 7.59 23.38
CA ALA D 54 20.18 8.05 24.73
C ALA D 54 21.53 7.51 25.22
N ASP D 55 21.79 6.23 24.97
CA ASP D 55 23.07 5.65 25.40
C ASP D 55 24.24 6.29 24.67
N ALA D 56 24.06 6.62 23.39
CA ALA D 56 25.10 7.33 22.65
C ALA D 56 25.35 8.70 23.27
N LEU D 57 24.29 9.38 23.72
CA LEU D 57 24.48 10.66 24.40
C LEU D 57 25.30 10.48 25.68
N VAL D 58 25.01 9.42 26.45
CA VAL D 58 25.77 9.17 27.67
C VAL D 58 27.24 8.91 27.34
N THR D 59 27.49 8.11 26.30
CA THR D 59 28.86 7.83 25.90
C THR D 59 29.57 9.09 25.44
N THR D 60 28.85 10.02 24.81
CA THR D 60 29.47 11.27 24.38
C THR D 60 29.84 12.15 25.56
N THR D 61 29.01 12.16 26.61
CA THR D 61 29.36 12.99 27.77
C THR D 61 30.36 12.31 28.71
N MET D 62 30.62 11.01 28.54
CA MET D 62 31.60 10.34 29.40
C MET D 62 33.01 10.92 29.32
N PRO D 63 33.59 11.22 28.14
CA PRO D 63 34.97 11.72 28.12
C PRO D 63 35.18 13.01 28.88
N PHE D 64 34.14 13.83 29.05
CA PHE D 64 34.26 15.01 29.89
C PHE D 64 34.57 14.61 31.33
N GLN D 65 33.84 13.62 31.85
CA GLN D 65 34.14 13.12 33.19
C GLN D 65 35.53 12.50 33.26
N SER D 66 35.94 11.80 32.20
CA SER D 66 37.28 11.23 32.17
C SER D 66 38.35 12.33 32.27
N THR D 67 38.17 13.41 31.51
CA THR D 67 39.14 14.51 31.55
C THR D 67 39.11 15.22 32.90
N VAL D 68 37.93 15.34 33.52
CA VAL D 68 37.85 15.94 34.84
C VAL D 68 38.63 15.11 35.85
N TYR D 69 38.49 13.79 35.79
CA TYR D 69 39.26 12.94 36.69
C TYR D 69 40.76 13.07 36.41
N LEU D 70 41.13 13.15 35.13
CA LEU D 70 42.55 13.23 34.79
C LEU D 70 43.18 14.52 35.29
N MET D 71 42.48 15.65 35.14
CA MET D 71 43.04 16.96 35.48
C MET D 71 42.64 17.44 36.87
N ASN D 72 41.68 16.79 37.52
CA ASN D 72 41.25 17.15 38.88
C ASN D 72 40.72 18.58 38.98
N SER D 73 40.27 19.15 37.86
CA SER D 73 39.72 20.50 37.85
C SER D 73 38.85 20.67 36.63
N TRP D 74 37.99 21.69 36.66
CA TRP D 74 37.08 21.95 35.56
C TRP D 74 37.60 23.14 34.75
N PRO D 75 38.13 22.93 33.55
CA PRO D 75 38.63 24.07 32.75
C PRO D 75 37.62 24.58 31.74
N PHE D 76 36.49 23.87 31.58
CA PHE D 76 35.55 24.20 30.53
C PHE D 76 34.72 25.44 30.85
N GLY D 77 34.63 25.84 32.12
CA GLY D 77 33.87 27.01 32.51
C GLY D 77 32.40 26.71 32.74
N ASP D 78 31.71 27.71 33.27
CA ASP D 78 30.30 27.55 33.63
C ASP D 78 29.43 27.33 32.39
N VAL D 79 29.76 28.00 31.29
CA VAL D 79 28.95 27.91 30.08
C VAL D 79 28.88 26.47 29.58
N LEU D 80 30.03 25.79 29.55
CA LEU D 80 30.03 24.38 29.16
C LEU D 80 29.53 23.47 30.28
N CYS D 81 29.79 23.84 31.54
CA CYS D 81 29.38 22.99 32.66
C CYS D 81 27.86 22.85 32.71
N LYS D 82 27.14 23.96 32.54
CA LYS D 82 25.69 23.90 32.58
C LYS D 82 25.14 22.92 31.56
N ILE D 83 25.56 23.08 30.30
CA ILE D 83 25.01 22.26 29.23
C ILE D 83 25.45 20.80 29.39
N VAL D 84 26.68 20.56 29.83
CA VAL D 84 27.15 19.19 29.98
C VAL D 84 26.38 18.48 31.09
N LEU D 85 26.19 19.13 32.23
CA LEU D 85 25.42 18.52 33.31
C LEU D 85 23.97 18.28 32.88
N SER D 86 23.37 19.26 32.20
CA SER D 86 21.98 19.09 31.77
C SER D 86 21.84 17.94 30.78
N ILE D 87 22.76 17.84 29.82
CA ILE D 87 22.66 16.78 28.82
C ILE D 87 22.97 15.43 29.46
N ASP D 88 23.84 15.38 30.47
CA ASP D 88 24.10 14.12 31.16
C ASP D 88 22.86 13.62 31.89
N TYR D 89 22.21 14.51 32.64
CA TYR D 89 20.96 14.12 33.30
C TYR D 89 19.90 13.70 32.27
N TYR D 90 19.79 14.48 31.18
CA TYR D 90 18.85 14.17 30.11
C TYR D 90 19.09 12.78 29.56
N ASN D 91 20.33 12.48 29.19
CA ASN D 91 20.64 11.19 28.57
C ASN D 91 20.40 10.04 29.54
N MET D 92 20.82 10.19 30.80
CA MET D 92 20.63 9.12 31.77
C MET D 92 19.15 8.83 31.98
N PHE D 93 18.34 9.88 32.17
CA PHE D 93 16.92 9.66 32.42
C PHE D 93 16.22 9.11 31.18
N THR D 94 16.60 9.57 29.98
CA THR D 94 16.01 9.03 28.77
C THR D 94 16.33 7.56 28.60
N SER D 95 17.59 7.17 28.85
CA SER D 95 17.96 5.77 28.70
C SER D 95 17.22 4.88 29.69
N ILE D 96 17.17 5.31 30.96
CA ILE D 96 16.51 4.49 31.97
C ILE D 96 15.02 4.37 31.69
N PHE D 97 14.37 5.49 31.33
CA PHE D 97 12.95 5.46 31.05
C PHE D 97 12.65 4.66 29.78
N THR D 98 13.54 4.68 28.80
CA THR D 98 13.34 3.87 27.60
C THR D 98 13.45 2.39 27.90
N LEU D 99 14.42 2.01 28.76
CA LEU D 99 14.51 0.61 29.16
C LEU D 99 13.24 0.18 29.90
N THR D 100 12.75 1.02 30.82
CA THR D 100 11.52 0.69 31.53
C THR D 100 10.34 0.57 30.57
N MET D 101 10.26 1.47 29.58
CA MET D 101 9.16 1.43 28.63
C MET D 101 9.24 0.20 27.73
N MET D 102 10.44 -0.23 27.37
CA MET D 102 10.59 -1.47 26.61
C MET D 102 10.14 -2.67 27.43
N SER D 103 10.49 -2.69 28.72
CA SER D 103 10.02 -3.77 29.57
C SER D 103 8.50 -3.79 29.65
N VAL D 104 7.88 -2.63 29.82
CA VAL D 104 6.41 -2.56 29.87
C VAL D 104 5.81 -2.97 28.54
N ASP D 105 6.47 -2.61 27.43
CA ASP D 105 5.98 -2.98 26.11
C ASP D 105 5.98 -4.50 25.93
N ARG D 106 7.07 -5.15 26.32
CA ARG D 106 7.13 -6.61 26.22
C ARG D 106 6.10 -7.26 27.13
N TYR D 107 5.92 -6.74 28.34
CA TYR D 107 4.93 -7.29 29.24
C TYR D 107 3.52 -7.16 28.66
N ILE D 108 3.20 -6.03 28.05
CA ILE D 108 1.88 -5.85 27.44
C ILE D 108 1.72 -6.76 26.23
N ALA D 109 2.80 -6.93 25.45
CA ALA D 109 2.74 -7.79 24.28
C ALA D 109 2.45 -9.24 24.66
N VAL D 110 3.05 -9.71 25.75
CA VAL D 110 2.91 -11.12 26.13
C VAL D 110 1.65 -11.36 26.96
N CYS D 111 1.46 -10.58 28.04
CA CYS D 111 0.42 -10.90 29.00
C CYS D 111 -0.95 -10.34 28.65
N HIS D 112 -1.02 -9.29 27.83
CA HIS D 112 -2.28 -8.70 27.38
C HIS D 112 -2.26 -8.57 25.87
N PRO D 113 -2.44 -9.69 25.15
CA PRO D 113 -2.25 -9.63 23.69
C PRO D 113 -3.40 -8.96 22.95
N VAL D 114 -4.64 -9.17 23.40
CA VAL D 114 -5.78 -8.55 22.74
C VAL D 114 -5.72 -7.03 22.89
N LYS D 115 -5.37 -6.55 24.09
CA LYS D 115 -5.19 -5.11 24.28
C LYS D 115 -3.96 -4.60 23.54
N ALA D 116 -2.89 -5.39 23.52
CA ALA D 116 -1.69 -5.00 22.79
C ALA D 116 -1.93 -4.93 21.29
N LEU D 117 -3.01 -5.54 20.80
CA LEU D 117 -3.35 -5.40 19.38
C LEU D 117 -3.64 -3.95 19.03
N ASP D 118 -4.41 -3.26 19.88
CA ASP D 118 -4.77 -1.87 19.65
C ASP D 118 -3.93 -0.89 20.47
N PHE D 119 -2.97 -1.38 21.25
CA PHE D 119 -2.07 -0.50 21.99
C PHE D 119 -0.70 -0.40 21.33
N ARG D 120 -0.14 -1.53 20.90
CA ARG D 120 1.26 -1.57 20.44
C ARG D 120 1.37 -1.21 18.96
N THR D 121 0.84 -0.06 18.57
CA THR D 121 1.06 0.44 17.23
C THR D 121 2.31 1.31 17.21
N PRO D 122 3.00 1.41 16.07
CA PRO D 122 4.18 2.28 16.00
C PRO D 122 3.90 3.73 16.34
N LEU D 123 2.71 4.23 15.99
CA LEU D 123 2.36 5.61 16.34
C LEU D 123 2.33 5.80 17.86
N LYS D 124 1.67 4.89 18.57
CA LYS D 124 1.64 4.97 20.03
C LYS D 124 3.04 4.88 20.61
N ALA D 125 3.92 4.11 19.97
CA ALA D 125 5.32 4.09 20.38
C ALA D 125 5.97 5.46 20.19
N LYS D 126 5.63 6.14 19.09
CA LYS D 126 6.17 7.48 18.86
C LYS D 126 5.72 8.45 19.94
N ILE D 127 4.43 8.45 20.28
CA ILE D 127 3.98 9.34 21.35
C ILE D 127 4.60 8.97 22.68
N ILE D 128 4.77 7.67 22.95
CA ILE D 128 5.39 7.25 24.20
C ILE D 128 6.83 7.77 24.30
N ASN D 129 7.58 7.62 23.21
CA ASN D 129 8.96 8.09 23.21
C ASN D 129 9.03 9.61 23.33
N ILE D 130 8.15 10.32 22.63
CA ILE D 130 8.13 11.79 22.74
C ILE D 130 7.83 12.20 24.17
N CYS D 131 6.87 11.54 24.83
CA CYS D 131 6.56 11.87 26.21
C CYS D 131 7.75 11.58 27.13
N ILE D 132 8.46 10.48 26.89
CA ILE D 132 9.62 10.15 27.71
C ILE D 132 10.70 11.23 27.56
N TRP D 133 11.00 11.61 26.33
CA TRP D 133 12.00 12.64 26.09
C TRP D 133 11.56 13.99 26.66
N LEU D 134 10.26 14.28 26.62
CA LEU D 134 9.76 15.54 27.19
C LEU D 134 9.90 15.55 28.71
N LEU D 135 9.59 14.43 29.37
CA LEU D 135 9.76 14.38 30.82
C LEU D 135 11.24 14.52 31.20
N SER D 136 12.12 13.86 30.45
CA SER D 136 13.54 14.03 30.70
C SER D 136 14.00 15.45 30.41
N SER D 137 13.36 16.12 29.46
CA SER D 137 13.69 17.53 29.18
C SER D 137 13.23 18.41 30.32
N SER D 138 12.09 18.09 30.95
CA SER D 138 11.67 18.81 32.14
C SER D 138 12.68 18.64 33.27
N VAL D 139 13.19 17.42 33.44
CA VAL D 139 14.23 17.18 34.44
C VAL D 139 15.48 17.99 34.10
N GLY D 140 15.86 18.01 32.82
CA GLY D 140 17.02 18.77 32.41
C GLY D 140 16.86 20.27 32.59
N ILE D 141 15.64 20.78 32.40
CA ILE D 141 15.37 22.19 32.65
C ILE D 141 15.49 22.49 34.14
N SER D 142 14.91 21.63 34.98
CA SER D 142 15.05 21.81 36.42
C SER D 142 16.51 21.77 36.85
N ALA D 143 17.34 20.99 36.15
CA ALA D 143 18.76 20.98 36.44
C ALA D 143 19.45 22.24 35.94
N ILE D 144 19.11 22.69 34.74
CA ILE D 144 19.77 23.86 34.14
C ILE D 144 19.42 25.15 34.87
N VAL D 145 18.29 25.19 35.57
CA VAL D 145 17.98 26.38 36.36
C VAL D 145 18.99 26.54 37.49
N LEU D 146 19.32 25.46 38.18
CA LEU D 146 20.25 25.49 39.30
C LEU D 146 21.62 24.94 38.95
N GLY D 147 21.90 24.67 37.68
CA GLY D 147 23.15 24.03 37.29
C GLY D 147 24.34 24.97 37.27
N GLY D 148 24.63 25.60 38.40
CA GLY D 148 25.72 26.56 38.47
C GLY D 148 27.08 25.91 38.61
N THR D 149 28.05 26.73 38.99
CA THR D 149 29.42 26.28 39.19
C THR D 149 30.06 27.13 40.28
N LYS D 150 30.62 26.46 41.29
CA LYS D 150 31.28 27.16 42.39
C LYS D 150 32.27 26.24 43.10
N VAL D 157 40.86 24.47 43.75
CA VAL D 157 40.07 23.37 43.20
C VAL D 157 38.62 23.78 43.03
N ILE D 158 38.15 23.77 41.77
CA ILE D 158 36.78 24.13 41.44
C ILE D 158 36.05 22.87 40.98
N GLU D 159 34.91 22.58 41.61
CA GLU D 159 34.13 21.39 41.31
C GLU D 159 32.79 21.79 40.70
N CYS D 160 32.48 21.21 39.54
CA CYS D 160 31.21 21.46 38.89
C CYS D 160 30.13 20.56 39.51
N SER D 161 29.02 21.17 39.91
CA SER D 161 27.93 20.46 40.56
C SER D 161 26.70 21.35 40.55
N LEU D 162 25.61 20.83 41.09
CA LEU D 162 24.39 21.62 41.22
C LEU D 162 24.52 22.61 42.36
N GLN D 163 24.21 23.87 42.10
CA GLN D 163 24.31 24.93 43.09
C GLN D 163 22.91 25.32 43.55
N PHE D 164 22.71 25.35 44.86
CA PHE D 164 21.41 25.69 45.43
C PHE D 164 21.56 26.17 46.87
N TRP D 171 20.78 20.92 52.37
CA TRP D 171 19.65 19.99 52.47
C TRP D 171 18.98 19.82 51.11
N TRP D 172 19.01 20.88 50.29
CA TRP D 172 18.44 20.78 48.95
C TRP D 172 19.19 19.78 48.09
N ASP D 173 20.51 19.74 48.23
CA ASP D 173 21.30 18.74 47.49
C ASP D 173 20.95 17.33 47.93
N LEU D 174 20.72 17.13 49.22
CA LEU D 174 20.28 15.83 49.71
C LEU D 174 18.95 15.42 49.09
N PHE D 175 18.00 16.38 49.02
CA PHE D 175 16.72 16.08 48.41
C PHE D 175 16.86 15.75 46.93
N MET D 176 17.73 16.48 46.22
CA MET D 176 17.96 16.19 44.81
C MET D 176 18.56 14.81 44.62
N LYS D 177 19.53 14.44 45.47
CA LYS D 177 20.13 13.12 45.38
C LYS D 177 19.11 12.03 45.66
N ILE D 178 18.26 12.23 46.68
CA ILE D 178 17.25 11.23 47.00
C ILE D 178 16.25 11.09 45.87
N CYS D 179 15.84 12.21 45.28
CA CYS D 179 14.92 12.16 44.16
C CYS D 179 15.53 11.44 42.97
N VAL D 180 16.81 11.71 42.67
CA VAL D 180 17.48 11.03 41.57
C VAL D 180 17.55 9.53 41.83
N PHE D 181 17.91 9.14 43.05
CA PHE D 181 18.02 7.73 43.39
C PHE D 181 16.67 7.04 43.28
N ILE D 182 15.60 7.67 43.76
CA ILE D 182 14.28 7.04 43.73
C ILE D 182 13.74 6.96 42.32
N PHE D 183 13.95 8.00 41.51
CA PHE D 183 13.35 8.09 40.19
C PHE D 183 14.25 7.55 39.09
N ALA D 184 15.45 7.06 39.40
CA ALA D 184 16.33 6.50 38.40
C ALA D 184 16.78 5.07 38.68
N PHE D 185 16.73 4.61 39.93
CA PHE D 185 17.13 3.25 40.24
C PHE D 185 16.00 2.41 40.82
N VAL D 186 15.33 2.89 41.86
CA VAL D 186 14.38 2.05 42.59
C VAL D 186 13.16 1.74 41.73
N ILE D 187 12.47 2.79 41.28
CA ILE D 187 11.24 2.58 40.50
C ILE D 187 11.51 1.85 39.19
N PRO D 188 12.48 2.24 38.37
CA PRO D 188 12.73 1.47 37.14
C PRO D 188 13.12 0.03 37.38
N VAL D 189 13.96 -0.25 38.39
CA VAL D 189 14.35 -1.63 38.65
C VAL D 189 13.14 -2.44 39.10
N LEU D 190 12.33 -1.88 39.98
CA LEU D 190 11.14 -2.60 40.45
C LEU D 190 10.19 -2.88 39.29
N ILE D 191 9.96 -1.89 38.43
CA ILE D 191 9.04 -2.07 37.31
C ILE D 191 9.57 -3.14 36.35
N ILE D 192 10.86 -3.06 36.04
CA ILE D 192 11.46 -4.03 35.11
C ILE D 192 11.35 -5.44 35.67
N ILE D 193 11.68 -5.60 36.96
CA ILE D 193 11.68 -6.93 37.56
C ILE D 193 10.26 -7.50 37.59
N VAL D 194 9.29 -6.67 38.02
CA VAL D 194 7.91 -7.15 38.10
C VAL D 194 7.39 -7.54 36.73
N CYS D 195 7.58 -6.66 35.74
CA CYS D 195 7.07 -6.93 34.40
C CYS D 195 7.71 -8.17 33.80
N TYR D 196 9.02 -8.32 33.96
CA TYR D 196 9.70 -9.45 33.33
C TYR D 196 9.37 -10.76 34.04
N THR D 197 9.21 -10.74 35.36
CA THR D 197 8.79 -11.95 36.06
C THR D 197 7.40 -12.39 35.65
N LEU D 198 6.46 -11.43 35.56
CA LEU D 198 5.12 -11.78 35.11
C LEU D 198 5.13 -12.30 33.67
N MET D 199 5.95 -11.68 32.81
CA MET D 199 6.07 -12.14 31.44
C MET D 199 6.60 -13.56 31.36
N ILE D 200 7.61 -13.89 32.18
CA ILE D 200 8.19 -15.23 32.15
C ILE D 200 7.18 -16.25 32.67
N LEU D 201 6.42 -15.88 33.72
CA LEU D 201 5.39 -16.80 34.20
C LEU D 201 4.34 -17.07 33.12
N ARG D 202 3.89 -16.01 32.43
CA ARG D 202 2.90 -16.21 31.38
C ARG D 202 3.46 -17.06 30.24
N LEU D 203 4.72 -16.85 29.88
CA LEU D 203 5.34 -17.69 28.87
C LEU D 203 5.41 -19.15 29.31
N LYS D 204 5.67 -19.38 30.60
CA LYS D 204 5.64 -20.73 31.14
C LYS D 204 4.25 -21.35 30.98
N SER D 205 3.21 -20.54 31.20
CA SER D 205 1.85 -21.04 31.05
C SER D 205 1.43 -21.26 29.59
N VAL D 206 2.24 -20.84 28.62
CA VAL D 206 1.87 -20.90 27.22
C VAL D 206 2.12 -22.30 26.67
N ARG D 207 1.18 -22.81 25.88
CA ARG D 207 1.29 -24.16 25.34
C ARG D 207 2.49 -24.29 24.41
N LEU D 208 2.69 -23.31 23.52
CA LEU D 208 3.77 -23.43 22.54
C LEU D 208 5.15 -23.35 23.21
N LEU D 209 5.30 -22.49 24.22
CA LEU D 209 6.58 -22.38 24.88
C LEU D 209 6.88 -23.60 25.75
N SER D 210 5.91 -24.05 26.52
CA SER D 210 6.10 -25.20 27.41
C SER D 210 5.57 -26.46 26.74
N GLY D 211 6.28 -26.89 25.70
CA GLY D 211 5.91 -28.06 24.95
C GLY D 211 6.95 -29.18 24.99
N SER D 212 7.61 -29.40 23.86
CA SER D 212 8.59 -30.46 23.72
C SER D 212 9.96 -29.96 24.19
N ARG D 213 11.01 -30.73 23.90
CA ARG D 213 12.35 -30.36 24.34
C ARG D 213 12.81 -29.05 23.70
N GLU D 214 12.58 -28.89 22.40
CA GLU D 214 12.98 -27.66 21.72
C GLU D 214 12.21 -26.45 22.25
N LYS D 215 10.91 -26.63 22.50
CA LYS D 215 10.11 -25.53 23.04
C LYS D 215 10.57 -25.15 24.44
N ASP D 216 10.88 -26.15 25.27
CA ASP D 216 11.42 -25.87 26.60
C ASP D 216 12.76 -25.16 26.51
N ARG D 217 13.60 -25.56 25.56
CA ARG D 217 14.88 -24.89 25.35
C ARG D 217 14.68 -23.43 24.95
N ASN D 218 13.70 -23.17 24.09
CA ASN D 218 13.40 -21.79 23.70
C ASN D 218 12.93 -20.96 24.88
N LEU D 219 12.06 -21.55 25.72
CA LEU D 219 11.60 -20.84 26.92
C LEU D 219 12.77 -20.54 27.86
N ARG D 220 13.67 -21.51 28.04
CA ARG D 220 14.84 -21.28 28.88
C ARG D 220 15.74 -20.20 28.29
N ARG D 221 15.86 -20.16 26.97
CA ARG D 221 16.66 -19.11 26.33
C ARG D 221 16.06 -17.74 26.56
N ILE D 222 14.73 -17.63 26.46
CA ILE D 222 14.07 -16.34 26.70
C ILE D 222 14.28 -15.91 28.16
N THR D 223 14.14 -16.86 29.09
CA THR D 223 14.37 -16.55 30.50
C THR D 223 15.81 -16.10 30.73
N ARG D 224 16.77 -16.77 30.07
CA ARG D 224 18.17 -16.38 30.22
C ARG D 224 18.41 -14.97 29.70
N LEU D 225 17.82 -14.63 28.56
CA LEU D 225 17.98 -13.27 28.02
C LEU D 225 17.40 -12.22 28.96
N VAL D 226 16.20 -12.48 29.48
CA VAL D 226 15.56 -11.52 30.39
C VAL D 226 16.40 -11.36 31.66
N LEU D 227 16.87 -12.47 32.22
CA LEU D 227 17.69 -12.41 33.42
C LEU D 227 19.01 -11.69 33.15
N VAL D 228 19.59 -11.90 31.97
CA VAL D 228 20.83 -11.21 31.62
C VAL D 228 20.61 -9.70 31.60
N VAL D 229 19.51 -9.27 30.97
CA VAL D 229 19.22 -7.84 30.90
C VAL D 229 19.06 -7.25 32.30
N VAL D 230 18.23 -7.89 33.13
CA VAL D 230 17.95 -7.35 34.46
C VAL D 230 19.22 -7.35 35.31
N ALA D 231 20.00 -8.42 35.25
CA ALA D 231 21.21 -8.52 36.05
C ALA D 231 22.23 -7.48 35.62
N VAL D 232 22.38 -7.26 34.31
CA VAL D 232 23.30 -6.23 33.83
C VAL D 232 22.89 -4.86 34.37
N PHE D 233 21.60 -4.53 34.24
CA PHE D 233 21.14 -3.23 34.72
C PHE D 233 21.42 -3.06 36.22
N VAL D 234 21.02 -4.04 37.03
CA VAL D 234 21.14 -3.92 38.47
C VAL D 234 22.61 -3.86 38.87
N VAL D 235 23.43 -4.79 38.37
CA VAL D 235 24.81 -4.87 38.80
C VAL D 235 25.64 -3.71 38.29
N CYS D 236 25.19 -3.00 37.25
CA CYS D 236 25.95 -1.86 36.76
C CYS D 236 25.38 -0.53 37.23
N TRP D 237 24.20 -0.50 37.86
CA TRP D 237 23.69 0.75 38.40
C TRP D 237 23.70 0.82 39.93
N THR D 238 23.70 -0.32 40.63
CA THR D 238 23.62 -0.27 42.09
C THR D 238 24.82 0.39 42.76
N PRO D 239 26.08 0.04 42.43
CA PRO D 239 27.20 0.56 43.25
C PRO D 239 27.31 2.08 43.25
N ILE D 240 27.05 2.74 42.13
CA ILE D 240 27.19 4.19 42.09
C ILE D 240 26.14 4.87 42.95
N HIS D 241 24.90 4.36 42.90
CA HIS D 241 23.85 4.92 43.75
C HIS D 241 24.13 4.63 45.22
N ILE D 242 24.70 3.47 45.51
CA ILE D 242 25.08 3.15 46.89
C ILE D 242 26.13 4.14 47.39
N PHE D 243 27.13 4.43 46.56
CA PHE D 243 28.14 5.42 46.94
C PHE D 243 27.52 6.80 47.14
N ILE D 244 26.62 7.20 46.25
CA ILE D 244 25.98 8.52 46.36
C ILE D 244 25.20 8.62 47.65
N LEU D 245 24.43 7.59 48.00
CA LEU D 245 23.63 7.65 49.21
C LEU D 245 24.49 7.56 50.47
N VAL D 246 25.56 6.75 50.43
CA VAL D 246 26.40 6.57 51.61
C VAL D 246 27.18 7.84 51.91
N GLU D 247 27.80 8.44 50.88
CA GLU D 247 28.57 9.65 51.11
C GLU D 247 27.70 10.82 51.50
N ALA D 248 26.43 10.81 51.08
CA ALA D 248 25.52 11.89 51.46
C ALA D 248 25.08 11.76 52.91
N LEU D 249 24.83 10.54 53.37
CA LEU D 249 24.41 10.31 54.76
C LEU D 249 25.62 10.31 55.68
N LEU D 259 38.81 8.66 46.23
CA LEU D 259 38.16 9.27 45.06
C LEU D 259 38.14 8.29 43.89
N SER D 260 38.89 7.20 44.02
CA SER D 260 38.95 6.21 42.94
C SER D 260 37.65 5.40 42.88
N SER D 261 37.06 5.10 44.04
CA SER D 261 35.84 4.28 44.05
C SER D 261 34.67 5.00 43.39
N TYR D 262 34.56 6.31 43.60
CA TYR D 262 33.50 7.08 42.97
C TYR D 262 33.59 7.01 41.45
N TYR D 263 34.79 7.20 40.92
CA TYR D 263 34.96 7.16 39.46
C TYR D 263 34.81 5.75 38.92
N PHE D 264 35.22 4.73 39.68
CA PHE D 264 34.97 3.36 39.25
C PHE D 264 33.49 3.05 39.17
N CYS D 265 32.71 3.51 40.16
CA CYS D 265 31.27 3.28 40.14
C CYS D 265 30.61 4.03 38.98
N ILE D 266 31.03 5.27 38.74
CA ILE D 266 30.42 6.01 37.64
C ILE D 266 30.85 5.39 36.30
N ALA D 267 32.04 4.79 36.27
CA ALA D 267 32.44 4.03 35.10
C ALA D 267 31.57 2.80 34.91
N LEU D 268 31.16 2.17 36.02
CA LEU D 268 30.23 1.04 35.91
C LEU D 268 28.89 1.49 35.33
N GLY D 269 28.40 2.65 35.76
CA GLY D 269 27.19 3.20 35.15
C GLY D 269 27.35 3.46 33.66
N TYR D 270 28.50 4.04 33.28
CA TYR D 270 28.78 4.26 31.87
C TYR D 270 28.85 2.95 31.09
N THR D 271 29.41 1.90 31.71
CA THR D 271 29.46 0.59 31.06
C THR D 271 28.06 0.04 30.86
N ASN D 272 27.18 0.22 31.84
CA ASN D 272 25.78 -0.13 31.65
C ASN D 272 25.22 0.54 30.41
N SER D 273 25.38 1.86 30.34
CA SER D 273 24.83 2.61 29.21
C SER D 273 25.43 2.14 27.89
N SER D 274 26.72 1.84 27.88
CA SER D 274 27.42 1.47 26.66
C SER D 274 27.07 0.07 26.19
N LEU D 275 26.96 -0.89 27.11
CA LEU D 275 26.78 -2.28 26.74
C LEU D 275 25.33 -2.71 26.70
N ASN D 276 24.39 -1.87 27.12
CA ASN D 276 22.98 -2.18 26.89
C ASN D 276 22.66 -2.39 25.41
N PRO D 277 23.07 -1.51 24.50
CA PRO D 277 22.85 -1.81 23.07
C PRO D 277 23.55 -3.07 22.60
N ILE D 278 24.72 -3.40 23.17
CA ILE D 278 25.46 -4.57 22.72
C ILE D 278 24.64 -5.83 22.95
N LEU D 279 24.09 -5.99 24.15
CA LEU D 279 23.24 -7.15 24.42
C LEU D 279 21.90 -7.03 23.71
N TYR D 280 21.37 -5.81 23.56
CA TYR D 280 20.07 -5.64 22.90
C TYR D 280 20.14 -6.05 21.43
N ALA D 281 21.29 -5.85 20.80
CA ALA D 281 21.43 -6.20 19.39
C ALA D 281 21.98 -7.61 19.18
N PHE D 282 23.02 -8.00 19.92
CA PHE D 282 23.63 -9.30 19.70
C PHE D 282 22.72 -10.44 20.16
N LEU D 283 21.83 -10.18 21.12
CA LEU D 283 20.91 -11.19 21.65
C LEU D 283 19.47 -10.90 21.24
N ASP D 284 19.29 -10.44 20.01
CA ASP D 284 17.96 -10.14 19.48
C ASP D 284 17.59 -11.16 18.41
N GLU D 285 16.33 -11.62 18.46
CA GLU D 285 15.86 -12.57 17.46
C GLU D 285 15.85 -11.96 16.07
N ASN D 286 15.39 -10.71 15.95
CA ASN D 286 15.37 -10.05 14.65
C ASN D 286 16.77 -9.87 14.09
N PHE D 287 17.71 -9.43 14.93
CA PHE D 287 19.08 -9.24 14.47
C PHE D 287 19.72 -10.57 14.09
N LYS D 288 19.47 -11.62 14.87
CA LYS D 288 20.03 -12.94 14.55
C LYS D 288 19.46 -13.46 13.24
N ARG D 289 18.16 -13.28 13.01
CA ARG D 289 17.55 -13.70 11.76
C ARG D 289 18.12 -12.90 10.59
N CYS D 290 18.29 -11.59 10.75
CA CYS D 290 18.87 -10.77 9.69
C CYS D 290 20.31 -11.17 9.42
N PHE D 291 21.08 -11.43 10.47
CA PHE D 291 22.48 -11.79 10.32
C PHE D 291 22.69 -13.29 10.52
N VAL E 2 -26.14 18.47 -7.70
CA VAL E 2 -25.28 19.26 -6.84
C VAL E 2 -25.82 20.68 -6.72
N GLN E 3 -25.96 21.16 -5.50
CA GLN E 3 -26.44 22.52 -5.28
C GLN E 3 -25.82 23.11 -4.02
N LEU E 4 -25.68 24.44 -4.04
CA LEU E 4 -25.14 25.21 -2.91
C LEU E 4 -26.10 26.35 -2.65
N VAL E 5 -26.83 26.30 -1.54
CA VAL E 5 -27.86 27.28 -1.22
C VAL E 5 -27.33 28.17 -0.10
N GLU E 6 -27.27 29.47 -0.37
CA GLU E 6 -26.73 30.44 0.58
C GLU E 6 -27.85 31.04 1.42
N SER E 7 -27.50 31.44 2.64
CA SER E 7 -28.46 32.05 3.54
C SER E 7 -27.73 33.05 4.44
N GLY E 8 -28.47 34.07 4.88
CA GLY E 8 -27.91 35.17 5.64
C GLY E 8 -28.25 36.50 4.97
N GLY E 9 -27.26 37.38 4.93
CA GLY E 9 -27.44 38.64 4.22
C GLY E 9 -28.46 39.54 4.90
N GLY E 10 -29.06 40.42 4.10
CA GLY E 10 -30.01 41.38 4.60
C GLY E 10 -29.38 42.73 4.86
N LEU E 11 -30.13 43.55 5.60
CA LEU E 11 -29.69 44.90 5.95
C LEU E 11 -29.03 44.87 7.31
N VAL E 12 -27.76 45.31 7.37
CA VAL E 12 -26.97 45.31 8.60
C VAL E 12 -26.48 46.72 8.85
N GLN E 13 -26.64 47.19 10.09
CA GLN E 13 -26.08 48.48 10.46
C GLN E 13 -24.55 48.42 10.39
N PRO E 14 -23.90 49.48 9.96
CA PRO E 14 -22.42 49.47 9.90
C PRO E 14 -21.82 49.26 11.29
N GLY E 15 -20.70 48.54 11.32
CA GLY E 15 -20.08 48.18 12.58
C GLY E 15 -20.65 46.95 13.25
N GLY E 16 -21.66 46.31 12.66
CA GLY E 16 -22.26 45.12 13.22
C GLY E 16 -21.53 43.85 12.83
N SER E 17 -22.25 42.75 12.89
CA SER E 17 -21.69 41.45 12.54
C SER E 17 -22.80 40.56 11.99
N ARG E 18 -22.41 39.61 11.15
CA ARG E 18 -23.37 38.66 10.60
C ARG E 18 -22.67 37.41 10.11
N LYS E 19 -23.42 36.31 10.08
CA LYS E 19 -22.89 35.01 9.67
C LYS E 19 -23.62 34.53 8.43
N LEU E 20 -22.87 34.25 7.37
CA LEU E 20 -23.41 33.68 6.15
C LEU E 20 -23.20 32.16 6.18
N SER E 21 -24.26 31.42 5.87
CA SER E 21 -24.21 29.96 5.92
C SER E 21 -24.67 29.41 4.58
N CYS E 22 -23.84 28.56 3.96
CA CYS E 22 -24.16 27.92 2.70
C CYS E 22 -24.28 26.43 2.93
N SER E 23 -25.45 25.87 2.57
CA SER E 23 -25.71 24.44 2.69
C SER E 23 -25.45 23.77 1.35
N ALA E 24 -24.64 22.72 1.37
CA ALA E 24 -24.27 21.98 0.18
C ALA E 24 -25.02 20.66 0.14
N SER E 25 -25.64 20.36 -0.99
CA SER E 25 -26.44 19.13 -1.11
C SER E 25 -26.33 18.62 -2.53
N GLY E 26 -25.70 17.47 -2.72
CA GLY E 26 -25.62 16.84 -4.01
C GLY E 26 -24.24 16.34 -4.39
N PHE E 27 -23.27 16.50 -3.50
CA PHE E 27 -21.89 16.11 -3.80
C PHE E 27 -21.17 15.83 -2.49
N ALA E 28 -19.98 15.23 -2.63
CA ALA E 28 -19.16 14.90 -1.47
C ALA E 28 -18.51 16.16 -0.90
N PHE E 29 -19.19 16.80 0.05
CA PHE E 29 -18.77 18.12 0.53
C PHE E 29 -17.39 18.06 1.19
N SER E 30 -17.10 16.98 1.92
CA SER E 30 -15.87 16.93 2.70
C SER E 30 -14.62 16.90 1.84
N SER E 31 -14.71 16.50 0.58
CA SER E 31 -13.55 16.40 -0.30
C SER E 31 -13.30 17.66 -1.11
N PHE E 32 -14.11 18.69 -0.94
CA PHE E 32 -14.01 19.92 -1.72
C PHE E 32 -13.51 21.05 -0.83
N GLY E 33 -12.46 21.74 -1.29
CA GLY E 33 -12.17 23.05 -0.76
C GLY E 33 -13.24 24.03 -1.16
N MET E 34 -13.44 25.06 -0.35
CA MET E 34 -14.54 26.00 -0.60
C MET E 34 -14.05 27.43 -0.50
N HIS E 35 -14.71 28.30 -1.25
CA HIS E 35 -14.36 29.71 -1.34
C HIS E 35 -15.61 30.55 -1.15
N TRP E 36 -15.40 31.74 -0.59
CA TRP E 36 -16.39 32.81 -0.59
C TRP E 36 -15.87 33.89 -1.53
N VAL E 37 -16.68 34.25 -2.52
CA VAL E 37 -16.33 35.26 -3.51
C VAL E 37 -17.47 36.26 -3.58
N ARG E 38 -17.16 37.55 -3.46
CA ARG E 38 -18.19 38.57 -3.38
C ARG E 38 -18.21 39.42 -4.65
N GLN E 39 -19.39 39.99 -4.93
CA GLN E 39 -19.59 40.85 -6.08
C GLN E 39 -20.35 42.09 -5.62
N ALA E 40 -19.78 43.27 -5.87
CA ALA E 40 -20.43 44.51 -5.47
C ALA E 40 -21.73 44.69 -6.26
N PRO E 41 -22.67 45.49 -5.75
CA PRO E 41 -23.97 45.60 -6.42
C PRO E 41 -23.89 46.06 -7.86
N GLU E 42 -22.84 46.77 -8.25
CA GLU E 42 -22.66 47.19 -9.64
C GLU E 42 -21.29 46.86 -10.21
N LYS E 43 -20.34 46.39 -9.41
CA LYS E 43 -18.99 46.11 -9.87
C LYS E 43 -18.82 44.61 -10.11
N GLY E 44 -17.59 44.20 -10.38
CA GLY E 44 -17.28 42.82 -10.72
C GLY E 44 -17.05 41.95 -9.49
N LEU E 45 -16.47 40.78 -9.74
CA LEU E 45 -16.26 39.80 -8.70
C LEU E 45 -15.00 40.10 -7.90
N GLU E 46 -14.98 39.65 -6.65
CA GLU E 46 -13.83 39.84 -5.77
C GLU E 46 -13.79 38.70 -4.77
N TRP E 47 -12.68 37.98 -4.74
CA TRP E 47 -12.52 36.85 -3.83
C TRP E 47 -12.46 37.33 -2.38
N VAL E 48 -12.96 36.50 -1.48
CA VAL E 48 -13.05 36.88 -0.07
C VAL E 48 -12.28 35.89 0.81
N ALA E 49 -12.67 34.62 0.78
CA ALA E 49 -12.13 33.68 1.75
C ALA E 49 -12.00 32.29 1.14
N TYR E 50 -11.17 31.45 1.77
CA TYR E 50 -10.95 30.08 1.32
C TYR E 50 -10.70 29.18 2.52
N ILE E 51 -11.30 28.00 2.52
CA ILE E 51 -11.01 26.96 3.50
C ILE E 51 -10.85 25.62 2.78
N SER E 52 -9.81 24.88 3.15
CA SER E 52 -9.45 23.67 2.43
C SER E 52 -10.31 22.50 2.89
N SER E 53 -9.94 21.29 2.47
CA SER E 53 -10.62 20.08 2.89
C SER E 53 -10.08 19.65 4.26
N GLY E 54 -10.99 19.50 5.23
CA GLY E 54 -10.58 19.27 6.59
C GLY E 54 -10.19 20.51 7.35
N SER E 55 -10.40 21.70 6.77
CA SER E 55 -10.08 22.97 7.41
C SER E 55 -8.60 23.09 7.74
N GLY E 56 -7.74 22.43 6.97
CA GLY E 56 -6.32 22.48 7.20
C GLY E 56 -5.60 23.68 6.62
N THR E 57 -6.32 24.55 5.91
CA THR E 57 -5.72 25.73 5.28
C THR E 57 -6.81 26.77 5.11
N ILE E 58 -6.60 27.94 5.70
CA ILE E 58 -7.60 29.00 5.71
C ILE E 58 -6.95 30.30 5.26
N TYR E 59 -7.49 30.90 4.20
CA TYR E 59 -6.97 32.14 3.64
C TYR E 59 -8.06 33.19 3.58
N TYR E 60 -7.64 34.45 3.72
CA TYR E 60 -8.53 35.59 3.62
C TYR E 60 -7.92 36.64 2.70
N ALA E 61 -8.77 37.53 2.20
CA ALA E 61 -8.30 38.67 1.42
C ALA E 61 -7.77 39.75 2.33
N ASP E 62 -6.76 40.47 1.85
CA ASP E 62 -6.18 41.55 2.64
C ASP E 62 -7.19 42.64 2.96
N THR E 63 -8.25 42.76 2.17
CA THR E 63 -9.33 43.68 2.49
C THR E 63 -10.15 43.21 3.68
N VAL E 64 -10.08 41.92 4.03
CA VAL E 64 -10.88 41.36 5.11
C VAL E 64 -10.06 40.54 6.09
N LYS E 65 -8.77 40.35 5.84
CA LYS E 65 -7.94 39.53 6.72
C LYS E 65 -7.89 40.12 8.12
N GLY E 66 -8.12 39.28 9.12
CA GLY E 66 -8.20 39.71 10.50
C GLY E 66 -9.58 40.18 10.93
N ARG E 67 -10.52 40.28 10.00
CA ARG E 67 -11.89 40.70 10.29
C ARG E 67 -12.94 39.66 9.94
N PHE E 68 -12.67 38.82 8.96
CA PHE E 68 -13.56 37.73 8.55
C PHE E 68 -13.02 36.41 9.09
N THR E 69 -13.94 35.44 9.23
CA THR E 69 -13.55 34.10 9.70
C THR E 69 -14.37 33.07 8.95
N ILE E 70 -13.71 32.23 8.17
CA ILE E 70 -14.39 31.17 7.42
C ILE E 70 -14.23 29.86 8.18
N SER E 71 -15.23 28.99 8.04
CA SER E 71 -15.22 27.70 8.72
C SER E 71 -16.13 26.75 7.97
N ARG E 72 -16.02 25.46 8.28
CA ARG E 72 -16.86 24.46 7.64
C ARG E 72 -17.29 23.41 8.65
N ASP E 73 -18.54 23.00 8.57
CA ASP E 73 -19.10 21.88 9.32
C ASP E 73 -19.25 20.73 8.32
N ASP E 74 -18.22 19.88 8.27
CA ASP E 74 -18.23 18.74 7.35
C ASP E 74 -19.35 17.74 7.65
N PRO E 75 -19.52 17.25 8.88
CA PRO E 75 -20.63 16.31 9.13
C PRO E 75 -22.00 16.90 8.83
N LYS E 76 -22.20 18.19 9.05
CA LYS E 76 -23.46 18.84 8.76
C LYS E 76 -23.51 19.40 7.34
N ASN E 77 -22.42 19.31 6.59
CA ASN E 77 -22.36 19.75 5.19
C ASN E 77 -22.77 21.22 5.07
N THR E 78 -21.96 22.10 5.68
CA THR E 78 -22.28 23.52 5.68
C THR E 78 -20.99 24.32 5.71
N LEU E 79 -21.03 25.51 5.10
CA LEU E 79 -19.92 26.45 5.11
C LEU E 79 -20.37 27.73 5.79
N PHE E 80 -19.50 28.30 6.62
CA PHE E 80 -19.81 29.49 7.39
C PHE E 80 -18.78 30.59 7.10
N LEU E 81 -19.25 31.83 7.04
CA LEU E 81 -18.40 33.01 7.02
C LEU E 81 -18.94 33.99 8.04
N GLN E 82 -18.19 34.21 9.11
CA GLN E 82 -18.54 35.19 10.13
C GLN E 82 -17.84 36.50 9.78
N MET E 83 -18.63 37.57 9.67
CA MET E 83 -18.14 38.89 9.32
C MET E 83 -18.35 39.80 10.51
N THR E 84 -17.26 40.40 10.99
CA THR E 84 -17.28 41.27 12.15
C THR E 84 -16.87 42.68 11.74
N SER E 85 -17.43 43.68 12.42
CA SER E 85 -17.15 45.09 12.16
C SER E 85 -17.38 45.42 10.69
N LEU E 86 -18.64 45.28 10.29
CA LEU E 86 -19.02 45.41 8.88
C LEU E 86 -18.82 46.86 8.43
N ARG E 87 -17.87 47.07 7.53
CA ARG E 87 -17.67 48.38 6.92
C ARG E 87 -18.77 48.66 5.91
N SER E 88 -18.73 49.85 5.32
CA SER E 88 -19.69 50.20 4.27
C SER E 88 -19.27 49.69 2.90
N GLU E 89 -18.03 49.19 2.77
CA GLU E 89 -17.56 48.59 1.52
C GLU E 89 -17.77 47.08 1.49
N ASP E 90 -18.41 46.52 2.52
CA ASP E 90 -18.68 45.09 2.58
C ASP E 90 -20.04 44.72 2.02
N THR E 91 -20.83 45.69 1.55
CA THR E 91 -22.12 45.39 0.95
C THR E 91 -21.91 44.78 -0.43
N ALA E 92 -22.43 43.57 -0.62
CA ALA E 92 -22.20 42.83 -1.86
C ALA E 92 -23.08 41.57 -1.84
N MET E 93 -23.04 40.84 -2.95
CA MET E 93 -23.66 39.53 -3.04
C MET E 93 -22.56 38.48 -2.98
N TYR E 94 -22.70 37.53 -2.05
CA TYR E 94 -21.68 36.54 -1.78
C TYR E 94 -22.06 35.20 -2.40
N TYR E 95 -21.10 34.59 -3.08
CA TYR E 95 -21.23 33.29 -3.70
C TYR E 95 -20.28 32.31 -3.00
N CYS E 96 -20.81 31.15 -2.63
CA CYS E 96 -19.98 30.07 -2.14
C CYS E 96 -19.65 29.14 -3.30
N VAL E 97 -18.37 28.85 -3.48
CA VAL E 97 -17.88 28.12 -4.65
C VAL E 97 -17.12 26.90 -4.17
N ARG E 98 -17.35 25.77 -4.84
CA ARG E 98 -16.62 24.55 -4.54
C ARG E 98 -15.46 24.40 -5.52
N SER E 99 -14.37 23.81 -5.03
CA SER E 99 -13.18 23.60 -5.85
C SER E 99 -12.37 22.48 -5.24
N ILE E 100 -12.07 21.45 -6.02
CA ILE E 100 -11.33 20.29 -5.55
C ILE E 100 -10.02 20.26 -6.34
N TYR E 101 -8.92 19.95 -5.65
CA TYR E 101 -7.59 20.06 -6.23
C TYR E 101 -6.90 18.70 -6.23
N TYR E 102 -6.83 18.08 -7.41
CA TYR E 102 -5.95 16.96 -7.68
C TYR E 102 -5.48 17.11 -9.13
N TYR E 103 -4.75 16.12 -9.63
CA TYR E 103 -4.27 16.20 -11.01
C TYR E 103 -5.44 16.13 -11.99
N GLY E 104 -5.50 17.09 -12.90
CA GLY E 104 -6.57 17.12 -13.88
C GLY E 104 -7.90 17.61 -13.35
N SER E 105 -7.94 18.14 -12.13
CA SER E 105 -9.19 18.59 -11.54
C SER E 105 -9.68 19.86 -12.23
N SER E 106 -10.92 20.23 -11.91
CA SER E 106 -11.55 21.44 -12.44
C SER E 106 -12.07 22.26 -11.27
N PRO E 107 -11.23 23.13 -10.70
CA PRO E 107 -11.67 23.96 -9.58
C PRO E 107 -12.68 25.01 -10.01
N PHE E 108 -13.38 25.55 -9.01
CA PHE E 108 -14.38 26.60 -9.20
C PHE E 108 -15.49 26.15 -10.15
N ASP E 109 -15.82 24.86 -10.11
CA ASP E 109 -16.74 24.29 -11.09
C ASP E 109 -18.19 24.68 -10.83
N PHE E 110 -18.60 24.72 -9.57
CA PHE E 110 -19.98 25.04 -9.22
C PHE E 110 -20.03 26.25 -8.29
N TRP E 111 -20.93 27.17 -8.59
CA TRP E 111 -21.09 28.41 -7.84
C TRP E 111 -22.46 28.44 -7.17
N GLY E 112 -22.50 29.04 -5.99
CA GLY E 112 -23.74 29.14 -5.25
C GLY E 112 -24.70 30.15 -5.85
N GLN E 113 -25.90 30.19 -5.27
CA GLN E 113 -26.94 31.10 -5.76
C GLN E 113 -26.62 32.54 -5.40
N GLY E 114 -26.07 32.78 -4.22
CA GLY E 114 -25.70 34.11 -3.80
C GLY E 114 -26.61 34.70 -2.74
N THR E 115 -26.02 35.28 -1.70
CA THR E 115 -26.78 35.95 -0.64
C THR E 115 -26.37 37.40 -0.60
N THR E 116 -27.35 38.30 -0.54
CA THR E 116 -27.08 39.73 -0.56
C THR E 116 -26.85 40.25 0.86
N LEU E 117 -26.04 41.30 0.95
CA LEU E 117 -25.71 41.90 2.25
C LEU E 117 -25.50 43.39 2.02
N THR E 118 -26.42 44.21 2.54
CA THR E 118 -26.37 45.65 2.38
C THR E 118 -26.15 46.29 3.74
N VAL E 119 -25.15 47.17 3.83
CA VAL E 119 -24.84 47.91 5.04
C VAL E 119 -25.15 49.39 4.77
N SER E 120 -26.00 49.97 5.61
CA SER E 120 -26.41 51.36 5.41
C SER E 120 -25.23 52.30 5.65
N SER E 121 -25.13 53.32 4.80
CA SER E 121 -24.05 54.29 4.90
C SER E 121 -24.21 55.18 6.12
N SER E 136 2.47 43.14 -4.78
CA SER E 136 2.68 41.69 -4.82
C SER E 136 1.50 40.99 -5.48
N ASP E 137 0.32 41.59 -5.38
CA ASP E 137 -0.86 41.03 -6.01
C ASP E 137 -0.74 41.06 -7.53
N ILE E 138 -1.40 40.10 -8.18
CA ILE E 138 -1.43 40.04 -9.64
C ILE E 138 -2.67 40.76 -10.11
N VAL E 139 -2.49 41.82 -10.88
CA VAL E 139 -3.60 42.63 -11.39
C VAL E 139 -4.06 42.06 -12.72
N MET E 140 -5.34 41.76 -12.83
CA MET E 140 -5.93 41.20 -14.04
C MET E 140 -6.72 42.30 -14.73
N THR E 141 -6.41 42.56 -15.99
CA THR E 141 -6.97 43.68 -16.74
C THR E 141 -7.84 43.18 -17.88
N GLN E 142 -9.07 43.67 -17.93
CA GLN E 142 -10.00 43.40 -19.03
C GLN E 142 -10.35 44.75 -19.65
N ALA E 143 -9.55 45.17 -20.64
CA ALA E 143 -9.73 46.48 -21.24
C ALA E 143 -11.07 46.60 -21.94
N THR E 144 -11.49 45.55 -22.64
CA THR E 144 -12.75 45.58 -23.36
C THR E 144 -13.93 45.69 -22.39
N SER E 145 -14.97 46.39 -22.83
CA SER E 145 -16.18 46.56 -22.03
C SER E 145 -17.32 46.94 -22.96
N SER E 146 -18.50 46.36 -22.71
CA SER E 146 -19.71 46.64 -23.49
C SER E 146 -19.47 46.38 -24.98
N VAL E 147 -18.97 45.18 -25.29
CA VAL E 147 -18.72 44.82 -26.69
C VAL E 147 -20.05 44.56 -27.39
N PRO E 148 -20.33 45.23 -28.52
CA PRO E 148 -21.57 44.95 -29.25
C PRO E 148 -21.39 43.74 -30.14
N VAL E 149 -22.30 42.76 -30.01
CA VAL E 149 -22.19 41.49 -30.70
C VAL E 149 -23.52 41.12 -31.30
N THR E 150 -23.49 40.24 -32.31
CA THR E 150 -24.65 39.72 -32.98
C THR E 150 -24.57 38.20 -33.03
N PRO E 151 -25.71 37.51 -32.91
CA PRO E 151 -25.69 36.05 -32.94
C PRO E 151 -25.19 35.51 -34.27
N GLY E 152 -24.48 34.38 -34.21
CA GLY E 152 -23.96 33.73 -35.39
C GLY E 152 -22.56 34.14 -35.79
N GLU E 153 -22.01 35.20 -35.19
CA GLU E 153 -20.67 35.66 -35.52
C GLU E 153 -19.66 35.01 -34.59
N SER E 154 -18.41 35.48 -34.63
CA SER E 154 -17.34 35.01 -33.76
C SER E 154 -16.79 36.19 -32.97
N VAL E 155 -16.65 36.02 -31.66
CA VAL E 155 -16.23 37.10 -30.77
C VAL E 155 -15.04 36.63 -29.94
N SER E 156 -14.01 37.46 -29.87
CA SER E 156 -12.82 37.18 -29.08
C SER E 156 -12.72 38.21 -27.95
N ILE E 157 -12.57 37.72 -26.72
CA ILE E 157 -12.47 38.56 -25.53
C ILE E 157 -11.05 38.44 -25.01
N SER E 158 -10.38 39.58 -24.84
CA SER E 158 -8.99 39.60 -24.44
C SER E 158 -8.86 39.79 -22.93
N CYS E 159 -7.67 39.48 -22.43
CA CYS E 159 -7.38 39.61 -21.00
C CYS E 159 -5.88 39.74 -20.82
N ARG E 160 -5.47 40.53 -19.83
CA ARG E 160 -4.06 40.78 -19.55
C ARG E 160 -3.80 40.55 -18.08
N SER E 161 -2.60 40.07 -17.77
CA SER E 161 -2.20 39.76 -16.39
C SER E 161 -0.94 40.54 -16.04
N SER E 162 -0.89 41.02 -14.79
CA SER E 162 0.27 41.77 -14.34
C SER E 162 1.50 40.88 -14.22
N LYS E 163 1.30 39.63 -13.81
CA LYS E 163 2.38 38.66 -13.67
C LYS E 163 2.08 37.44 -14.53
N SER E 164 3.13 36.75 -14.95
CA SER E 164 2.97 35.57 -15.78
C SER E 164 2.29 34.46 -14.98
N LEU E 165 1.15 33.98 -15.47
CA LEU E 165 0.41 32.93 -14.81
C LEU E 165 0.96 31.54 -15.10
N LEU E 166 1.83 31.41 -16.09
CA LEU E 166 2.44 30.12 -16.39
C LEU E 166 3.40 29.73 -15.27
N HIS E 167 3.37 28.45 -14.89
CA HIS E 167 4.14 27.95 -13.77
C HIS E 167 5.25 27.02 -14.26
N SER E 168 6.08 26.59 -13.31
CA SER E 168 7.18 25.69 -13.63
C SER E 168 6.67 24.35 -14.15
N ASN E 169 5.60 23.83 -13.55
CA ASN E 169 5.08 22.53 -13.96
C ASN E 169 4.44 22.57 -15.34
N GLY E 170 4.12 23.75 -15.86
CA GLY E 170 3.53 23.90 -17.18
C GLY E 170 2.10 24.38 -17.18
N ASN E 171 1.47 24.52 -16.02
CA ASN E 171 0.10 24.98 -15.96
C ASN E 171 0.04 26.51 -16.03
N THR E 172 -0.99 27.02 -16.69
CA THR E 172 -1.25 28.45 -16.78
C THR E 172 -2.59 28.71 -16.10
N TYR E 173 -2.53 29.11 -14.83
CA TYR E 173 -3.70 29.19 -13.98
C TYR E 173 -4.53 30.42 -14.35
N LEU E 174 -5.23 30.31 -15.47
CA LEU E 174 -6.15 31.34 -15.93
C LEU E 174 -7.52 30.70 -16.11
N TYR E 175 -8.52 31.24 -15.41
CA TYR E 175 -9.87 30.70 -15.41
C TYR E 175 -10.82 31.71 -16.04
N TRP E 176 -11.78 31.22 -16.82
CA TRP E 176 -12.77 32.05 -17.48
C TRP E 176 -14.15 31.74 -16.90
N PHE E 177 -14.92 32.77 -16.59
CA PHE E 177 -16.24 32.62 -16.02
C PHE E 177 -17.24 33.44 -16.82
N LEU E 178 -18.44 32.90 -17.01
CA LEU E 178 -19.52 33.59 -17.68
C LEU E 178 -20.64 33.81 -16.68
N GLN E 179 -21.05 35.06 -16.52
CA GLN E 179 -22.18 35.43 -15.67
C GLN E 179 -23.29 35.96 -16.56
N ARG E 180 -24.37 35.20 -16.67
CA ARG E 180 -25.54 35.63 -17.39
C ARG E 180 -26.35 36.60 -16.55
N PRO E 181 -27.16 37.46 -17.18
CA PRO E 181 -27.96 38.42 -16.40
C PRO E 181 -28.91 37.72 -15.46
N GLY E 182 -28.78 38.04 -14.17
CA GLY E 182 -29.64 37.45 -13.15
C GLY E 182 -29.26 36.05 -12.73
N GLN E 183 -28.04 35.60 -13.03
CA GLN E 183 -27.61 34.25 -12.68
C GLN E 183 -26.19 34.29 -12.16
N SER E 184 -25.84 33.28 -11.37
CA SER E 184 -24.50 33.17 -10.83
C SER E 184 -23.50 32.86 -11.93
N PRO E 185 -22.24 33.27 -11.77
CA PRO E 185 -21.22 32.96 -12.78
C PRO E 185 -20.99 31.45 -12.88
N GLN E 186 -20.63 31.02 -14.08
CA GLN E 186 -20.37 29.61 -14.35
C GLN E 186 -19.04 29.47 -15.06
N LEU E 187 -18.41 28.32 -14.85
CA LEU E 187 -17.06 28.07 -15.35
C LEU E 187 -17.11 27.58 -16.78
N LEU E 188 -16.33 28.23 -17.66
CA LEU E 188 -16.16 27.79 -19.04
C LEU E 188 -14.82 27.11 -19.25
N ILE E 189 -13.74 27.74 -18.81
CA ILE E 189 -12.39 27.20 -18.92
C ILE E 189 -11.74 27.26 -17.55
N TYR E 190 -11.23 26.14 -17.07
CA TYR E 190 -10.60 26.09 -15.76
C TYR E 190 -9.09 26.10 -15.82
N ARG E 191 -8.51 26.17 -17.02
CA ARG E 191 -7.12 26.49 -17.26
C ARG E 191 -7.02 26.73 -18.75
N MET E 192 -6.43 27.84 -19.18
CA MET E 192 -6.50 28.26 -20.57
C MET E 192 -6.29 27.08 -21.51
N SER E 193 -7.26 26.87 -22.41
CA SER E 193 -7.40 25.73 -23.34
C SER E 193 -7.98 24.47 -22.69
N ASN E 194 -8.53 24.54 -21.48
CA ASN E 194 -9.18 23.39 -20.84
C ASN E 194 -10.66 23.70 -20.69
N LEU E 195 -11.48 23.12 -21.56
CA LEU E 195 -12.92 23.37 -21.54
C LEU E 195 -13.57 22.62 -20.37
N ALA E 196 -14.56 23.26 -19.75
CA ALA E 196 -15.25 22.67 -18.62
C ALA E 196 -16.20 21.57 -19.08
N SER E 197 -16.95 21.02 -18.14
CA SER E 197 -17.90 19.94 -18.42
C SER E 197 -19.30 20.51 -18.56
N GLY E 198 -20.00 20.09 -19.60
CA GLY E 198 -21.31 20.63 -19.90
C GLY E 198 -21.30 21.94 -20.66
N VAL E 199 -20.14 22.38 -21.13
CA VAL E 199 -20.01 23.64 -21.86
C VAL E 199 -19.89 23.33 -23.34
N PRO E 200 -20.60 24.06 -24.21
CA PRO E 200 -20.53 23.77 -25.64
C PRO E 200 -19.12 23.94 -26.19
N ASP E 201 -18.83 23.18 -27.24
CA ASP E 201 -17.49 23.15 -27.83
C ASP E 201 -17.09 24.45 -28.50
N ARG E 202 -18.03 25.39 -28.71
CA ARG E 202 -17.71 26.64 -29.37
C ARG E 202 -16.72 27.46 -28.56
N PHE E 203 -16.86 27.47 -27.23
CA PHE E 203 -15.95 28.22 -26.38
C PHE E 203 -14.55 27.62 -26.45
N SER E 204 -13.55 28.48 -26.60
CA SER E 204 -12.16 28.06 -26.62
C SER E 204 -11.31 29.05 -25.86
N GLY E 205 -10.23 28.57 -25.28
CA GLY E 205 -9.32 29.42 -24.53
C GLY E 205 -7.89 29.28 -25.02
N SER E 206 -7.18 30.40 -25.05
CA SER E 206 -5.78 30.41 -25.46
C SER E 206 -5.06 31.48 -24.66
N GLY E 207 -3.73 31.38 -24.65
CA GLY E 207 -2.93 32.36 -23.94
C GLY E 207 -1.46 32.15 -24.20
N SER E 208 -0.69 33.20 -23.96
CA SER E 208 0.76 33.16 -24.14
C SER E 208 1.38 34.08 -23.09
N GLY E 209 1.75 33.49 -21.96
CA GLY E 209 2.37 34.27 -20.91
C GLY E 209 1.36 35.01 -20.07
N THR E 210 1.28 36.33 -20.28
CA THR E 210 0.41 37.20 -19.52
C THR E 210 -0.77 37.73 -20.33
N ALA E 211 -0.94 37.28 -21.56
CA ALA E 211 -2.04 37.72 -22.43
C ALA E 211 -2.87 36.52 -22.84
N PHE E 212 -4.18 36.59 -22.61
CA PHE E 212 -5.09 35.47 -22.82
C PHE E 212 -6.29 35.91 -23.63
N THR E 213 -6.93 34.93 -24.28
CA THR E 213 -8.03 35.19 -25.19
C THR E 213 -9.05 34.07 -25.09
N LEU E 214 -10.31 34.45 -24.92
CA LEU E 214 -11.43 33.50 -24.96
C LEU E 214 -12.23 33.76 -26.22
N THR E 215 -12.36 32.73 -27.06
CA THR E 215 -12.98 32.85 -28.37
C THR E 215 -14.28 32.07 -28.41
N ILE E 216 -15.28 32.66 -29.07
CA ILE E 216 -16.57 32.00 -29.32
C ILE E 216 -16.80 32.06 -30.82
N SER E 217 -16.69 30.89 -31.48
CA SER E 217 -16.81 30.84 -32.94
C SER E 217 -18.22 31.17 -33.40
N ARG E 218 -19.24 30.63 -32.70
CA ARG E 218 -20.63 30.97 -32.96
C ARG E 218 -21.32 31.15 -31.61
N LEU E 219 -22.16 32.17 -31.51
CA LEU E 219 -22.85 32.48 -30.27
C LEU E 219 -24.36 32.51 -30.49
N GLU E 220 -25.09 31.92 -29.55
CA GLU E 220 -26.53 32.03 -29.51
C GLU E 220 -26.92 33.21 -28.62
N ALA E 221 -28.21 33.32 -28.29
CA ALA E 221 -28.65 34.35 -27.37
C ALA E 221 -28.45 33.97 -25.90
N GLU E 222 -28.14 32.70 -25.63
CA GLU E 222 -27.95 32.27 -24.24
C GLU E 222 -26.62 32.77 -23.67
N ASP E 223 -25.56 32.71 -24.48
CA ASP E 223 -24.23 33.07 -24.01
C ASP E 223 -23.93 34.57 -24.10
N VAL E 224 -24.85 35.37 -23.59
CA VAL E 224 -24.71 36.82 -23.54
C VAL E 224 -24.65 37.23 -22.08
N GLY E 225 -23.57 37.92 -21.70
CA GLY E 225 -23.39 38.31 -20.32
C GLY E 225 -22.00 38.85 -20.09
N VAL E 226 -21.60 38.85 -18.81
CA VAL E 226 -20.32 39.41 -18.38
C VAL E 226 -19.30 38.29 -18.30
N TYR E 227 -18.13 38.49 -18.90
CA TYR E 227 -17.08 37.48 -18.91
C TYR E 227 -15.95 37.94 -17.99
N TYR E 228 -15.65 37.13 -16.99
CA TYR E 228 -14.63 37.44 -16.00
C TYR E 228 -13.44 36.51 -16.15
N CYS E 229 -12.28 37.00 -15.74
CA CYS E 229 -11.05 36.23 -15.72
C CYS E 229 -10.51 36.18 -14.30
N MET E 230 -10.06 35.00 -13.89
CA MET E 230 -9.53 34.79 -12.56
C MET E 230 -8.17 34.13 -12.66
N GLN E 231 -7.31 34.40 -11.68
CA GLN E 231 -6.00 33.77 -11.61
C GLN E 231 -5.91 32.93 -10.34
N HIS E 232 -5.35 31.74 -10.48
CA HIS E 232 -5.17 30.83 -9.35
C HIS E 232 -3.69 30.53 -9.11
N LEU E 233 -2.80 31.35 -9.65
CA LEU E 233 -1.37 31.11 -9.48
C LEU E 233 -0.97 31.24 -8.02
N GLU E 234 -1.34 32.35 -7.39
CA GLU E 234 -1.05 32.59 -5.98
C GLU E 234 -2.21 33.39 -5.40
N TYR E 235 -2.36 33.30 -4.09
CA TYR E 235 -3.39 34.06 -3.40
C TYR E 235 -2.95 35.52 -3.29
N PRO E 236 -3.91 36.46 -3.16
CA PRO E 236 -5.34 36.30 -2.90
C PRO E 236 -6.26 36.20 -4.12
N LEU E 237 -5.93 35.44 -5.15
CA LEU E 237 -6.87 35.04 -6.20
C LEU E 237 -7.62 36.24 -6.78
N THR E 238 -6.87 37.14 -7.42
CA THR E 238 -7.46 38.35 -7.93
C THR E 238 -8.26 38.08 -9.20
N PHE E 239 -9.48 38.60 -9.25
CA PHE E 239 -10.33 38.47 -10.42
C PHE E 239 -9.98 39.56 -11.43
N GLY E 240 -10.82 39.70 -12.47
CA GLY E 240 -10.66 40.76 -13.43
C GLY E 240 -11.98 41.50 -13.61
N ALA E 241 -11.89 42.68 -14.22
CA ALA E 241 -13.07 43.49 -14.47
C ALA E 241 -13.95 42.82 -15.52
N GLY E 242 -15.24 43.18 -15.50
CA GLY E 242 -16.18 42.56 -16.40
C GLY E 242 -16.00 42.97 -17.85
N THR E 243 -16.47 42.10 -18.74
CA THR E 243 -16.48 42.35 -20.19
C THR E 243 -17.89 42.04 -20.67
N LYS E 244 -18.76 43.04 -20.64
CA LYS E 244 -20.16 42.81 -20.99
C LYS E 244 -20.31 42.59 -22.49
N LEU E 245 -21.23 41.69 -22.85
CA LEU E 245 -21.58 41.44 -24.24
C LEU E 245 -23.04 41.84 -24.45
N GLU E 246 -23.26 42.70 -25.44
CA GLU E 246 -24.58 43.26 -25.72
C GLU E 246 -25.15 42.61 -26.97
N LEU E 247 -26.43 42.22 -26.89
CA LEU E 247 -27.10 41.61 -28.04
C LEU E 247 -27.65 42.68 -28.98
C10 A1LWX F . 24.80 10.29 34.59
C13 A1LWX F . 26.88 9.30 34.54
C17 A1LWX F . 28.83 15.25 36.39
C20 A1LWX F . 30.78 15.64 34.42
C21 A1LWX F . 29.45 15.36 34.06
C22 A1LWX F . 28.47 15.17 35.06
C01 A1LWX F . 27.71 12.07 37.87
C03 A1LWX F . 25.44 11.85 36.87
C04 A1LWX F . 24.42 11.82 38.02
C05 A1LWX F . 24.75 10.74 39.10
C06 A1LWX F . 24.70 9.29 38.50
C07 A1LWX F . 24.98 9.23 37.00
C08 A1LWX F . 25.89 10.41 36.41
C11 A1LWX F . 24.95 9.19 33.47
C12 A1LWX F . 26.16 8.48 33.79
C14 A1LWX F . 26.55 14.13 37.04
C16 A1LWX F . 27.79 15.04 37.49
C18 A1LWX F . 30.17 15.53 36.76
C19 A1LWX F . 31.14 15.73 35.74
N02 A1LWX F . 26.58 12.65 37.27
N09 A1LWX F . 25.93 10.40 35.13
O15 A1LWX F . 25.60 14.64 36.54
CL23 A1LWX F . 31.99 15.89 33.16
CL24 A1LWX F . 32.83 16.09 36.20
#